data_2LS0
#
_entry.id   2LS0
#
_entity_poly.entity_id   1
_entity_poly.type   'polypeptide(L)'
_entity_poly.pdbx_seq_one_letter_code
;MRGSHHHHHHGSEPTTPTTNLKIYKVDDLQKINGIWQVRNNILVPTDFTWVDNGIAADDVIEVTSNGTRTSDQVLQKGGY
FVINPNNVKSVGTPMKGSGGLSWAQVNFTTGGNVWLNTTSKDNLLYGK
;
_entity_poly.pdbx_strand_id   1
#
# COMPACT_ATOMS: atom_id res chain seq x y z
N MET A 1 -0.99 -31.49 -14.06
CA MET A 1 -0.93 -32.92 -14.47
C MET A 1 -0.41 -33.78 -13.33
N ARG A 2 0.88 -33.67 -13.05
CA ARG A 2 1.51 -34.44 -11.98
C ARG A 2 1.45 -33.70 -10.65
N GLY A 3 0.67 -34.24 -9.72
CA GLY A 3 0.54 -33.62 -8.42
C GLY A 3 0.17 -32.15 -8.48
N SER A 4 -0.63 -31.79 -9.48
CA SER A 4 -1.06 -30.41 -9.64
C SER A 4 -2.47 -30.19 -9.09
N HIS A 5 -3.05 -31.25 -8.51
CA HIS A 5 -4.39 -31.16 -7.95
C HIS A 5 -4.34 -31.05 -6.43
N HIS A 6 -4.74 -29.88 -5.91
CA HIS A 6 -4.74 -29.66 -4.47
C HIS A 6 -5.49 -28.38 -4.11
N HIS A 7 -6.61 -28.54 -3.42
CA HIS A 7 -7.44 -27.41 -3.00
C HIS A 7 -7.33 -27.16 -1.50
N HIS A 8 -7.32 -25.90 -1.10
CA HIS A 8 -7.22 -25.54 0.31
C HIS A 8 -7.94 -24.22 0.60
N HIS A 9 -8.45 -24.09 1.82
CA HIS A 9 -9.16 -22.87 2.23
C HIS A 9 -8.40 -22.13 3.33
N HIS A 10 -8.70 -20.84 3.47
CA HIS A 10 -8.06 -20.00 4.48
C HIS A 10 -8.73 -20.15 5.84
N GLY A 11 -8.34 -19.31 6.80
CA GLY A 11 -8.91 -19.37 8.13
C GLY A 11 -9.80 -18.17 8.42
N SER A 12 -10.94 -18.41 9.06
CA SER A 12 -11.88 -17.34 9.39
C SER A 12 -11.67 -16.83 10.82
N GLU A 13 -10.59 -17.25 11.46
CA GLU A 13 -10.29 -16.83 12.83
C GLU A 13 -8.87 -16.29 12.94
N PRO A 14 -8.60 -15.12 12.33
CA PRO A 14 -7.28 -14.50 12.38
C PRO A 14 -6.98 -13.87 13.73
N THR A 15 -5.81 -14.20 14.28
CA THR A 15 -5.39 -13.67 15.57
C THR A 15 -5.08 -12.17 15.45
N THR A 16 -4.48 -11.62 16.50
CA THR A 16 -4.13 -10.20 16.51
C THR A 16 -2.67 -10.00 16.12
N PRO A 17 -2.41 -9.58 14.87
CA PRO A 17 -1.04 -9.35 14.38
C PRO A 17 -0.43 -8.08 14.94
N THR A 18 0.89 -7.94 14.78
CA THR A 18 1.60 -6.77 15.27
C THR A 18 2.10 -5.90 14.12
N THR A 19 1.87 -6.36 12.88
CA THR A 19 2.30 -5.62 11.70
C THR A 19 1.10 -5.11 10.90
N ASN A 20 0.26 -4.30 11.54
CA ASN A 20 -0.92 -3.75 10.88
C ASN A 20 -0.52 -2.76 9.78
N LEU A 21 -1.04 -2.98 8.59
CA LEU A 21 -0.76 -2.13 7.44
C LEU A 21 -1.35 -0.75 7.64
N LYS A 22 -0.53 0.16 8.15
CA LYS A 22 -0.95 1.53 8.38
C LYS A 22 -1.55 2.15 7.11
N ILE A 23 -2.18 3.30 7.28
CA ILE A 23 -2.87 4.00 6.20
C ILE A 23 -1.96 4.64 5.14
N TYR A 24 -2.55 4.79 3.95
CA TYR A 24 -1.95 5.42 2.80
C TYR A 24 -2.67 6.75 2.62
N LYS A 25 -2.19 7.63 1.78
CA LYS A 25 -2.89 8.89 1.56
C LYS A 25 -3.37 9.01 0.11
N VAL A 26 -4.67 8.94 -0.12
CA VAL A 26 -5.17 9.06 -1.45
C VAL A 26 -5.22 10.51 -1.86
N ASP A 27 -4.07 10.97 -2.26
CA ASP A 27 -3.87 12.36 -2.68
C ASP A 27 -4.28 12.59 -4.12
N ASP A 28 -4.24 11.53 -4.92
CA ASP A 28 -4.62 11.66 -6.32
C ASP A 28 -4.65 10.32 -7.03
N LEU A 29 -5.84 9.91 -7.46
CA LEU A 29 -5.98 8.67 -8.18
C LEU A 29 -6.81 8.90 -9.43
N GLN A 30 -6.34 8.32 -10.52
CA GLN A 30 -6.96 8.45 -11.84
C GLN A 30 -7.20 7.13 -12.51
N LYS A 31 -8.10 7.14 -13.49
CA LYS A 31 -8.31 5.94 -14.25
C LYS A 31 -7.04 5.82 -15.09
N ILE A 32 -6.17 4.93 -14.68
CA ILE A 32 -4.85 4.83 -15.28
C ILE A 32 -4.55 3.43 -15.81
N ASN A 33 -4.29 3.36 -17.13
CA ASN A 33 -4.00 2.09 -17.78
C ASN A 33 -5.20 1.14 -17.67
N GLY A 34 -6.39 1.73 -17.73
CA GLY A 34 -7.60 0.94 -17.63
C GLY A 34 -7.87 0.50 -16.20
N ILE A 35 -7.02 0.94 -15.28
CA ILE A 35 -7.15 0.59 -13.88
C ILE A 35 -6.96 1.84 -13.03
N TRP A 36 -7.79 1.98 -12.00
CA TRP A 36 -7.68 3.14 -11.13
C TRP A 36 -6.30 3.17 -10.48
N GLN A 37 -5.63 4.32 -10.53
CA GLN A 37 -4.29 4.42 -9.95
C GLN A 37 -4.27 5.40 -8.81
N VAL A 38 -3.43 5.13 -7.83
CA VAL A 38 -3.36 5.96 -6.65
C VAL A 38 -2.05 6.69 -6.45
N ARG A 39 -2.16 7.87 -5.78
CA ARG A 39 -1.02 8.69 -5.45
C ARG A 39 -1.20 9.38 -4.09
N ASN A 40 -0.12 9.51 -3.32
CA ASN A 40 -0.18 10.23 -2.06
C ASN A 40 0.96 11.19 -2.02
N ASN A 41 0.75 12.26 -1.34
CA ASN A 41 1.74 13.29 -1.19
C ASN A 41 3.04 12.78 -0.53
N ILE A 42 2.98 11.63 0.15
CA ILE A 42 4.12 11.08 0.83
C ILE A 42 4.99 10.30 -0.14
N LEU A 43 4.34 9.41 -0.86
CA LEU A 43 5.02 8.61 -1.84
C LEU A 43 4.80 9.17 -3.23
N VAL A 44 3.88 10.12 -3.35
CA VAL A 44 3.61 10.70 -4.65
C VAL A 44 3.18 12.15 -4.55
N PRO A 45 4.13 13.01 -4.21
CA PRO A 45 3.88 14.43 -4.12
C PRO A 45 3.17 14.89 -5.37
N THR A 46 3.50 14.22 -6.45
CA THR A 46 2.92 14.48 -7.76
C THR A 46 3.68 13.72 -8.86
N ASP A 47 2.99 13.45 -9.97
CA ASP A 47 3.61 12.77 -11.12
C ASP A 47 3.91 11.29 -10.91
N PHE A 48 2.89 10.51 -10.58
CA PHE A 48 3.06 9.09 -10.43
C PHE A 48 2.96 8.48 -11.80
N THR A 49 4.05 7.97 -12.30
CA THR A 49 4.06 7.39 -13.62
C THR A 49 2.87 6.46 -13.81
N TRP A 50 1.81 7.03 -14.32
CA TRP A 50 0.58 6.29 -14.59
C TRP A 50 0.90 4.96 -15.25
N VAL A 51 2.01 4.95 -15.99
CA VAL A 51 2.46 3.77 -16.72
C VAL A 51 2.55 2.56 -15.83
N ASP A 52 3.31 2.72 -14.78
CA ASP A 52 3.53 1.64 -13.86
C ASP A 52 3.86 2.11 -12.46
N ASN A 53 4.16 3.38 -12.31
CA ASN A 53 4.52 3.90 -11.02
C ASN A 53 3.30 4.30 -10.26
N GLY A 54 2.22 4.37 -10.98
CA GLY A 54 0.98 4.63 -10.38
C GLY A 54 0.45 3.36 -9.80
N ILE A 55 -0.17 3.48 -8.67
CA ILE A 55 -0.71 2.31 -8.00
C ILE A 55 -2.07 1.93 -8.54
N ALA A 56 -2.20 0.75 -9.10
CA ALA A 56 -3.48 0.31 -9.57
C ALA A 56 -4.35 0.05 -8.37
N ALA A 57 -5.00 1.11 -7.92
CA ALA A 57 -5.84 1.07 -6.75
C ALA A 57 -6.58 -0.26 -6.56
N ASP A 58 -6.99 -0.87 -7.65
CA ASP A 58 -7.70 -2.14 -7.58
C ASP A 58 -6.90 -3.16 -6.80
N ASP A 59 -5.59 -3.08 -6.94
CA ASP A 59 -4.67 -3.97 -6.25
C ASP A 59 -4.68 -3.74 -4.75
N VAL A 60 -4.98 -2.51 -4.34
CA VAL A 60 -4.99 -2.19 -2.94
C VAL A 60 -6.39 -2.18 -2.36
N ILE A 61 -6.48 -1.76 -1.11
CA ILE A 61 -7.72 -1.73 -0.41
C ILE A 61 -7.83 -0.53 0.50
N GLU A 62 -8.74 0.36 0.14
CA GLU A 62 -8.96 1.59 0.87
C GLU A 62 -9.44 1.35 2.28
N VAL A 63 -8.67 1.88 3.23
CA VAL A 63 -9.02 1.77 4.63
C VAL A 63 -9.53 3.10 5.16
N THR A 64 -10.36 3.08 6.19
CA THR A 64 -10.88 4.32 6.76
C THR A 64 -9.86 4.87 7.74
N SER A 65 -9.99 6.16 8.07
CA SER A 65 -9.05 6.84 8.98
C SER A 65 -8.61 5.95 10.14
N ASN A 66 -9.51 5.11 10.62
CA ASN A 66 -9.19 4.22 11.73
C ASN A 66 -8.37 3.04 11.24
N GLY A 67 -8.22 2.94 9.94
CA GLY A 67 -7.46 1.87 9.33
C GLY A 67 -8.35 0.69 8.98
N THR A 68 -9.64 0.96 8.80
CA THR A 68 -10.59 -0.08 8.47
C THR A 68 -10.40 -0.53 7.03
N ARG A 69 -10.03 -1.80 6.86
CA ARG A 69 -9.79 -2.36 5.53
C ARG A 69 -11.08 -2.58 4.75
N THR A 70 -11.04 -2.21 3.47
CA THR A 70 -12.18 -2.37 2.57
C THR A 70 -13.49 -1.97 3.23
N SER A 71 -13.70 -0.68 3.39
CA SER A 71 -14.91 -0.16 4.00
C SER A 71 -16.00 0.01 2.95
N ASP A 72 -15.66 0.66 1.84
CA ASP A 72 -16.62 0.88 0.76
C ASP A 72 -16.47 -0.18 -0.33
N GLN A 73 -15.26 -0.74 -0.45
CA GLN A 73 -14.96 -1.77 -1.45
C GLN A 73 -14.55 -1.13 -2.78
N VAL A 74 -14.99 0.10 -2.99
CA VAL A 74 -14.67 0.84 -4.20
C VAL A 74 -13.71 1.98 -3.87
N LEU A 75 -12.45 1.82 -4.25
CA LEU A 75 -11.44 2.84 -3.98
C LEU A 75 -11.82 4.19 -4.56
N GLN A 76 -11.42 5.23 -3.86
CA GLN A 76 -11.67 6.60 -4.27
C GLN A 76 -10.61 7.52 -3.68
N LYS A 77 -10.06 8.38 -4.50
CA LYS A 77 -9.02 9.31 -4.07
C LYS A 77 -9.55 10.45 -3.23
N GLY A 78 -8.69 10.95 -2.35
CA GLY A 78 -9.07 12.04 -1.50
C GLY A 78 -9.10 11.62 -0.06
N GLY A 79 -8.45 10.50 0.25
CA GLY A 79 -8.47 10.04 1.61
C GLY A 79 -7.26 9.24 2.02
N TYR A 80 -7.49 7.94 2.22
CA TYR A 80 -6.45 7.02 2.64
C TYR A 80 -6.77 5.63 2.13
N PHE A 81 -5.76 4.78 2.07
CA PHE A 81 -5.97 3.41 1.65
C PHE A 81 -4.92 2.50 2.21
N VAL A 82 -5.11 1.23 1.99
CA VAL A 82 -4.17 0.27 2.47
C VAL A 82 -3.94 -0.76 1.39
N ILE A 83 -2.70 -0.96 1.03
CA ILE A 83 -2.37 -1.91 0.00
C ILE A 83 -2.50 -3.31 0.51
N ASN A 84 -3.48 -4.03 0.01
CA ASN A 84 -3.66 -5.38 0.43
C ASN A 84 -2.35 -6.15 0.24
N PRO A 85 -1.72 -6.61 1.33
CA PRO A 85 -0.45 -7.37 1.28
C PRO A 85 -0.67 -8.72 0.67
N ASN A 86 -1.87 -9.20 0.85
CA ASN A 86 -2.25 -10.49 0.33
C ASN A 86 -2.41 -10.41 -1.18
N ASN A 87 -2.79 -9.24 -1.65
CA ASN A 87 -2.91 -9.00 -3.05
C ASN A 87 -1.54 -8.69 -3.58
N VAL A 88 -0.60 -8.63 -2.65
CA VAL A 88 0.73 -8.33 -2.93
C VAL A 88 1.57 -9.54 -3.09
N LYS A 89 2.31 -9.47 -4.14
CA LYS A 89 3.24 -10.50 -4.50
C LYS A 89 4.51 -10.25 -3.75
N SER A 90 4.90 -8.99 -3.77
CA SER A 90 6.14 -8.57 -3.09
C SER A 90 6.47 -7.10 -3.33
N VAL A 91 7.50 -6.62 -2.63
CA VAL A 91 7.99 -5.28 -2.79
C VAL A 91 9.33 -5.35 -3.53
N GLY A 92 9.36 -4.75 -4.71
CA GLY A 92 10.51 -4.79 -5.57
C GLY A 92 11.49 -3.67 -5.36
N THR A 93 12.52 -3.75 -6.16
CA THR A 93 13.63 -2.82 -6.18
C THR A 93 13.18 -1.42 -6.54
N PRO A 94 13.76 -0.47 -5.83
CA PRO A 94 13.48 0.94 -5.97
C PRO A 94 14.23 1.61 -7.13
N MET A 95 13.67 2.73 -7.57
CA MET A 95 14.24 3.51 -8.66
C MET A 95 13.95 5.00 -8.47
N LYS A 96 14.94 5.83 -8.69
CA LYS A 96 14.75 7.28 -8.56
C LYS A 96 14.23 7.86 -9.87
N GLY A 97 13.08 8.54 -9.81
CA GLY A 97 12.53 9.12 -11.02
C GLY A 97 11.33 10.01 -10.79
N SER A 98 10.33 9.51 -10.08
CA SER A 98 9.12 10.28 -9.81
C SER A 98 9.45 11.48 -8.93
N GLY A 99 10.17 12.45 -9.49
CA GLY A 99 10.54 13.64 -8.74
C GLY A 99 12.02 13.70 -8.38
N GLY A 100 12.53 12.60 -7.81
CA GLY A 100 13.92 12.56 -7.42
C GLY A 100 14.20 11.55 -6.32
N LEU A 101 13.14 11.10 -5.64
CA LEU A 101 13.22 10.17 -4.57
C LEU A 101 13.45 8.76 -5.07
N SER A 102 13.00 7.82 -4.26
CA SER A 102 13.08 6.42 -4.53
C SER A 102 11.69 5.84 -4.65
N TRP A 103 11.39 5.31 -5.83
CA TRP A 103 10.11 4.73 -6.14
C TRP A 103 10.36 3.29 -6.54
N ALA A 104 9.80 2.39 -5.76
CA ALA A 104 10.02 0.96 -5.95
C ALA A 104 8.88 0.22 -6.60
N GLN A 105 9.30 -0.79 -7.35
CA GLN A 105 8.41 -1.65 -8.06
C GLN A 105 7.83 -2.71 -7.17
N VAL A 106 6.59 -2.56 -6.74
CA VAL A 106 5.98 -3.55 -5.90
C VAL A 106 5.06 -4.40 -6.76
N ASN A 107 5.14 -5.70 -6.56
CA ASN A 107 4.38 -6.63 -7.35
C ASN A 107 3.02 -6.91 -6.74
N PHE A 108 2.00 -6.28 -7.29
CA PHE A 108 0.68 -6.45 -6.83
C PHE A 108 -0.10 -7.46 -7.68
N THR A 109 -1.23 -7.80 -7.12
CA THR A 109 -2.19 -8.75 -7.68
C THR A 109 -2.65 -8.49 -9.13
N THR A 110 -3.35 -7.38 -9.32
CA THR A 110 -3.92 -7.02 -10.61
C THR A 110 -2.95 -6.26 -11.50
N GLY A 111 -2.43 -5.17 -10.98
CA GLY A 111 -1.51 -4.36 -11.73
C GLY A 111 -0.16 -5.00 -11.89
N GLY A 112 0.07 -6.11 -11.21
CA GLY A 112 1.35 -6.75 -11.29
C GLY A 112 2.42 -5.82 -10.80
N ASN A 113 3.00 -5.05 -11.69
CA ASN A 113 3.97 -4.07 -11.28
C ASN A 113 3.27 -2.80 -10.85
N VAL A 114 3.62 -2.30 -9.69
CA VAL A 114 3.04 -1.09 -9.16
C VAL A 114 4.11 -0.37 -8.39
N TRP A 115 4.47 0.81 -8.82
CA TRP A 115 5.53 1.53 -8.16
C TRP A 115 5.01 2.46 -7.09
N LEU A 116 5.89 2.72 -6.14
CA LEU A 116 5.57 3.59 -5.04
C LEU A 116 6.83 4.20 -4.53
N ASN A 117 6.78 5.45 -4.09
CA ASN A 117 7.99 6.02 -3.56
C ASN A 117 8.35 5.26 -2.35
N THR A 118 9.28 4.44 -2.64
CA THR A 118 9.84 3.46 -1.76
C THR A 118 10.80 4.04 -0.76
N THR A 119 10.76 5.34 -0.59
CA THR A 119 11.65 5.97 0.38
C THR A 119 11.32 5.49 1.82
N SER A 120 10.66 4.32 1.93
CA SER A 120 10.30 3.71 3.17
C SER A 120 9.69 2.35 2.86
N LYS A 121 10.21 1.31 3.45
CA LYS A 121 9.72 -0.03 3.18
C LYS A 121 8.39 -0.21 3.88
N ASP A 122 8.32 0.32 5.09
CA ASP A 122 7.09 0.34 5.82
C ASP A 122 6.11 1.24 5.08
N ASN A 123 6.60 1.89 4.02
CA ASN A 123 5.76 2.79 3.25
C ASN A 123 4.60 2.03 2.63
N LEU A 124 4.90 1.07 1.85
CA LEU A 124 3.87 0.27 1.23
C LEU A 124 3.12 -0.49 2.30
N LEU A 125 3.89 -1.23 3.07
CA LEU A 125 3.33 -2.03 4.13
C LEU A 125 2.60 -1.19 5.14
N TYR A 126 3.21 -0.08 5.55
CA TYR A 126 2.61 0.76 6.58
C TYR A 126 2.22 2.13 6.02
N GLY A 127 2.96 2.61 5.06
CA GLY A 127 2.65 3.93 4.52
C GLY A 127 3.59 4.98 5.07
N LYS A 128 4.78 4.53 5.46
CA LYS A 128 5.78 5.40 6.00
C LYS A 128 6.44 6.23 4.90
N MET A 1 13.58 -42.17 13.61
CA MET A 1 12.85 -41.00 13.06
C MET A 1 12.20 -40.17 14.16
N ARG A 2 11.65 -40.85 15.16
CA ARG A 2 10.98 -40.17 16.28
C ARG A 2 9.73 -39.46 15.80
N GLY A 3 8.59 -40.13 15.96
CA GLY A 3 7.32 -39.55 15.53
C GLY A 3 6.60 -40.42 14.52
N SER A 4 5.28 -40.34 14.51
CA SER A 4 4.48 -41.14 13.59
C SER A 4 3.02 -40.69 13.61
N HIS A 5 2.18 -41.40 12.87
CA HIS A 5 0.76 -41.09 12.78
C HIS A 5 0.52 -39.84 11.93
N HIS A 6 0.78 -38.67 12.50
CA HIS A 6 0.58 -37.41 11.79
C HIS A 6 1.88 -36.61 11.75
N HIS A 7 2.24 -36.10 10.58
CA HIS A 7 3.45 -35.31 10.41
C HIS A 7 3.23 -34.12 9.49
N HIS A 8 3.59 -32.94 9.97
CA HIS A 8 3.43 -31.71 9.20
C HIS A 8 4.66 -31.43 8.35
N HIS A 9 4.54 -30.45 7.45
CA HIS A 9 5.65 -30.08 6.57
C HIS A 9 5.98 -28.60 6.73
N HIS A 10 4.95 -27.76 6.75
CA HIS A 10 5.11 -26.31 6.90
C HIS A 10 4.34 -25.81 8.13
N GLY A 11 4.13 -26.70 9.09
CA GLY A 11 3.41 -26.34 10.29
C GLY A 11 1.96 -26.04 10.03
N SER A 12 1.33 -25.30 10.92
CA SER A 12 -0.08 -24.93 10.78
C SER A 12 -0.24 -23.45 10.48
N GLU A 13 0.74 -22.65 10.91
CA GLU A 13 0.70 -21.21 10.69
C GLU A 13 1.85 -20.76 9.79
N PRO A 14 1.54 -20.14 8.64
CA PRO A 14 2.56 -19.65 7.70
C PRO A 14 3.35 -18.48 8.28
N THR A 15 4.13 -17.82 7.42
CA THR A 15 4.93 -16.69 7.85
C THR A 15 4.14 -15.39 7.78
N THR A 16 3.60 -14.96 8.92
CA THR A 16 2.81 -13.73 8.98
C THR A 16 3.49 -12.70 9.88
N PRO A 17 3.68 -11.47 9.39
CA PRO A 17 4.32 -10.40 10.17
C PRO A 17 3.37 -9.82 11.21
N THR A 18 3.94 -9.28 12.29
CA THR A 18 3.15 -8.68 13.35
C THR A 18 2.90 -7.19 13.09
N THR A 19 3.46 -6.68 12.00
CA THR A 19 3.31 -5.28 11.64
C THR A 19 1.93 -5.02 11.01
N ASN A 20 1.27 -3.95 11.45
CA ASN A 20 -0.05 -3.58 10.94
C ASN A 20 0.05 -2.61 9.78
N LEU A 21 -0.61 -2.94 8.68
CA LEU A 21 -0.60 -2.11 7.49
C LEU A 21 -1.22 -0.75 7.76
N LYS A 22 -0.39 0.19 8.18
CA LYS A 22 -0.85 1.54 8.45
C LYS A 22 -1.48 2.15 7.20
N ILE A 23 -2.15 3.29 7.38
CA ILE A 23 -2.86 3.96 6.31
C ILE A 23 -1.96 4.64 5.27
N TYR A 24 -2.56 4.80 4.09
CA TYR A 24 -1.97 5.46 2.95
C TYR A 24 -2.70 6.77 2.77
N LYS A 25 -2.21 7.64 1.92
CA LYS A 25 -2.90 8.89 1.68
C LYS A 25 -3.38 8.99 0.23
N VAL A 26 -4.68 8.89 0.01
CA VAL A 26 -5.18 8.98 -1.32
C VAL A 26 -5.27 10.42 -1.73
N ASP A 27 -4.10 10.90 -2.11
CA ASP A 27 -3.91 12.29 -2.53
C ASP A 27 -4.34 12.52 -3.97
N ASP A 28 -4.30 11.47 -4.78
CA ASP A 28 -4.70 11.61 -6.17
C ASP A 28 -4.70 10.28 -6.91
N LEU A 29 -5.88 9.85 -7.32
CA LEU A 29 -6.02 8.63 -8.09
C LEU A 29 -6.88 8.86 -9.32
N GLN A 30 -6.44 8.27 -10.42
CA GLN A 30 -7.08 8.41 -11.72
C GLN A 30 -7.27 7.09 -12.43
N LYS A 31 -8.16 7.07 -13.42
CA LYS A 31 -8.32 5.88 -14.22
C LYS A 31 -7.05 5.84 -15.04
N ILE A 32 -6.13 4.97 -14.64
CA ILE A 32 -4.80 4.94 -15.22
C ILE A 32 -4.40 3.58 -15.79
N ASN A 33 -4.09 3.57 -17.08
CA ASN A 33 -3.69 2.36 -17.77
C ASN A 33 -4.80 1.33 -17.71
N GLY A 34 -6.04 1.81 -17.76
CA GLY A 34 -7.19 0.93 -17.70
C GLY A 34 -7.44 0.43 -16.29
N ILE A 35 -6.65 0.95 -15.34
CA ILE A 35 -6.76 0.57 -13.95
C ILE A 35 -6.70 1.80 -13.06
N TRP A 36 -7.57 1.88 -12.06
CA TRP A 36 -7.55 3.02 -11.17
C TRP A 36 -6.19 3.11 -10.48
N GLN A 37 -5.55 4.27 -10.52
CA GLN A 37 -4.23 4.41 -9.93
C GLN A 37 -4.24 5.40 -8.79
N VAL A 38 -3.44 5.11 -7.77
CA VAL A 38 -3.39 5.94 -6.58
C VAL A 38 -2.08 6.68 -6.38
N ARG A 39 -2.19 7.83 -5.71
CA ARG A 39 -1.05 8.67 -5.37
C ARG A 39 -1.23 9.34 -4.02
N ASN A 40 -0.14 9.48 -3.27
CA ASN A 40 -0.19 10.19 -2.01
C ASN A 40 0.96 11.14 -1.96
N ASN A 41 0.76 12.18 -1.23
CA ASN A 41 1.74 13.22 -1.08
C ASN A 41 3.04 12.71 -0.43
N ILE A 42 2.99 11.51 0.19
CA ILE A 42 4.15 10.96 0.85
C ILE A 42 5.01 10.21 -0.14
N LEU A 43 4.37 9.33 -0.88
CA LEU A 43 5.03 8.55 -1.89
C LEU A 43 4.81 9.15 -3.26
N VAL A 44 3.88 10.10 -3.35
CA VAL A 44 3.59 10.70 -4.64
C VAL A 44 3.18 12.15 -4.50
N PRO A 45 4.13 13.00 -4.17
CA PRO A 45 3.90 14.43 -4.05
C PRO A 45 3.19 14.90 -5.30
N THR A 46 3.53 14.23 -6.39
CA THR A 46 2.95 14.50 -7.69
C THR A 46 3.70 13.75 -8.80
N ASP A 47 3.00 13.48 -9.90
CA ASP A 47 3.61 12.81 -11.06
C ASP A 47 3.89 11.32 -10.87
N PHE A 48 2.88 10.55 -10.52
CA PHE A 48 3.04 9.13 -10.38
C PHE A 48 2.92 8.54 -11.76
N THR A 49 4.01 8.01 -12.28
CA THR A 49 3.99 7.45 -13.62
C THR A 49 2.78 6.55 -13.79
N TRP A 50 1.73 7.15 -14.29
CA TRP A 50 0.48 6.45 -14.56
C TRP A 50 0.76 5.12 -15.26
N VAL A 51 1.85 5.10 -16.00
CA VAL A 51 2.26 3.93 -16.77
C VAL A 51 2.35 2.71 -15.90
N ASP A 52 3.17 2.82 -14.89
CA ASP A 52 3.41 1.72 -14.00
C ASP A 52 3.81 2.14 -12.61
N ASN A 53 4.11 3.41 -12.44
CA ASN A 53 4.52 3.88 -11.14
C ASN A 53 3.35 4.28 -10.32
N GLY A 54 2.24 4.42 -10.97
CA GLY A 54 1.06 4.69 -10.31
C GLY A 54 0.52 3.41 -9.74
N ILE A 55 -0.10 3.51 -8.60
CA ILE A 55 -0.63 2.32 -7.95
C ILE A 55 -1.99 1.94 -8.49
N ALA A 56 -2.11 0.73 -9.05
CA ALA A 56 -3.40 0.29 -9.50
C ALA A 56 -4.27 0.04 -8.31
N ALA A 57 -4.94 1.09 -7.88
CA ALA A 57 -5.78 1.05 -6.70
C ALA A 57 -6.50 -0.28 -6.49
N ASP A 58 -6.90 -0.92 -7.58
CA ASP A 58 -7.61 -2.19 -7.49
C ASP A 58 -6.81 -3.19 -6.68
N ASP A 59 -5.50 -3.13 -6.83
CA ASP A 59 -4.59 -3.99 -6.13
C ASP A 59 -4.62 -3.74 -4.62
N VAL A 60 -4.92 -2.51 -4.23
CA VAL A 60 -4.94 -2.16 -2.83
C VAL A 60 -6.33 -2.16 -2.26
N ILE A 61 -6.42 -1.78 -0.99
CA ILE A 61 -7.66 -1.76 -0.30
C ILE A 61 -7.78 -0.55 0.60
N GLU A 62 -8.62 0.38 0.19
CA GLU A 62 -8.82 1.61 0.91
C GLU A 62 -9.45 1.41 2.27
N VAL A 63 -8.78 1.93 3.28
CA VAL A 63 -9.27 1.84 4.63
C VAL A 63 -9.67 3.21 5.15
N THR A 64 -10.49 3.24 6.20
CA THR A 64 -10.92 4.50 6.79
C THR A 64 -9.85 4.98 7.75
N SER A 65 -9.90 6.27 8.10
CA SER A 65 -8.92 6.91 9.00
C SER A 65 -8.47 5.99 10.13
N ASN A 66 -9.38 5.17 10.63
CA ASN A 66 -9.05 4.27 11.71
C ASN A 66 -8.32 3.03 11.21
N GLY A 67 -8.26 2.91 9.88
CA GLY A 67 -7.62 1.77 9.26
C GLY A 67 -8.61 0.69 8.93
N THR A 68 -9.87 1.09 8.80
CA THR A 68 -10.93 0.16 8.50
C THR A 68 -10.87 -0.29 7.04
N ARG A 69 -10.66 -1.59 6.84
CA ARG A 69 -10.61 -2.14 5.49
C ARG A 69 -11.99 -2.16 4.85
N THR A 70 -12.04 -1.96 3.54
CA THR A 70 -13.32 -1.95 2.81
C THR A 70 -13.10 -2.18 1.33
N SER A 71 -12.90 -3.44 0.95
CA SER A 71 -12.68 -3.80 -0.45
C SER A 71 -14.00 -3.98 -1.20
N ASP A 72 -15.08 -4.25 -0.45
CA ASP A 72 -16.39 -4.45 -1.05
C ASP A 72 -16.77 -3.26 -1.91
N GLN A 73 -16.61 -2.06 -1.37
CA GLN A 73 -16.93 -0.83 -2.09
C GLN A 73 -15.92 -0.58 -3.20
N VAL A 74 -16.01 0.59 -3.83
CA VAL A 74 -15.11 0.95 -4.92
C VAL A 74 -14.13 2.04 -4.46
N LEU A 75 -12.84 1.81 -4.70
CA LEU A 75 -11.82 2.76 -4.29
C LEU A 75 -12.09 4.16 -4.82
N GLN A 76 -11.66 5.15 -4.05
CA GLN A 76 -11.81 6.54 -4.41
C GLN A 76 -10.74 7.37 -3.72
N LYS A 77 -10.11 8.25 -4.48
CA LYS A 77 -9.05 9.11 -3.98
C LYS A 77 -9.56 10.32 -3.21
N GLY A 78 -8.73 10.77 -2.28
CA GLY A 78 -9.08 11.90 -1.48
C GLY A 78 -9.14 11.53 -0.02
N GLY A 79 -8.51 10.41 0.32
CA GLY A 79 -8.53 9.98 1.69
C GLY A 79 -7.32 9.19 2.12
N TYR A 80 -7.52 7.90 2.31
CA TYR A 80 -6.47 6.99 2.74
C TYR A 80 -6.76 5.59 2.23
N PHE A 81 -5.75 4.76 2.19
CA PHE A 81 -5.95 3.39 1.77
C PHE A 81 -4.91 2.49 2.38
N VAL A 82 -5.10 1.23 2.18
CA VAL A 82 -4.18 0.27 2.67
C VAL A 82 -3.93 -0.74 1.58
N ILE A 83 -2.69 -0.93 1.23
CA ILE A 83 -2.37 -1.86 0.17
C ILE A 83 -2.51 -3.27 0.66
N ASN A 84 -3.46 -3.98 0.10
CA ASN A 84 -3.65 -5.36 0.49
C ASN A 84 -2.32 -6.10 0.29
N PRO A 85 -1.71 -6.59 1.38
CA PRO A 85 -0.44 -7.34 1.33
C PRO A 85 -0.64 -8.71 0.75
N ASN A 86 -1.84 -9.19 0.94
CA ASN A 86 -2.21 -10.49 0.45
C ASN A 86 -2.40 -10.45 -1.06
N ASN A 87 -2.77 -9.28 -1.55
CA ASN A 87 -2.90 -9.06 -2.96
C ASN A 87 -1.54 -8.75 -3.51
N VAL A 88 -0.59 -8.68 -2.59
CA VAL A 88 0.74 -8.36 -2.88
C VAL A 88 1.57 -9.58 -3.03
N LYS A 89 2.30 -9.52 -4.07
CA LYS A 89 3.22 -10.56 -4.41
C LYS A 89 4.47 -10.32 -3.62
N SER A 90 4.91 -9.07 -3.70
CA SER A 90 6.12 -8.63 -2.99
C SER A 90 6.52 -7.22 -3.38
N VAL A 91 7.51 -6.65 -2.70
CA VAL A 91 8.04 -5.36 -3.06
C VAL A 91 9.22 -5.57 -4.02
N GLY A 92 9.67 -4.52 -4.70
CA GLY A 92 10.74 -4.68 -5.66
C GLY A 92 11.77 -3.59 -5.58
N THR A 93 12.75 -3.71 -6.43
CA THR A 93 13.85 -2.79 -6.55
C THR A 93 13.36 -1.40 -6.87
N PRO A 94 13.91 -0.45 -6.12
CA PRO A 94 13.58 0.96 -6.23
C PRO A 94 14.29 1.67 -7.38
N MET A 95 13.72 2.79 -7.78
CA MET A 95 14.26 3.59 -8.87
C MET A 95 13.95 5.07 -8.66
N LYS A 96 14.94 5.93 -8.87
CA LYS A 96 14.74 7.36 -8.72
C LYS A 96 14.19 7.96 -10.02
N GLY A 97 13.04 8.64 -9.94
CA GLY A 97 12.47 9.22 -11.13
C GLY A 97 11.26 10.10 -10.86
N SER A 98 10.27 9.55 -10.15
CA SER A 98 9.06 10.30 -9.84
C SER A 98 9.39 11.50 -8.93
N GLY A 99 10.08 12.50 -9.47
CA GLY A 99 10.43 13.67 -8.68
C GLY A 99 11.91 13.73 -8.33
N GLY A 100 12.44 12.62 -7.80
CA GLY A 100 13.84 12.59 -7.43
C GLY A 100 14.14 11.57 -6.33
N LEU A 101 13.09 11.08 -5.68
CA LEU A 101 13.21 10.13 -4.62
C LEU A 101 13.44 8.73 -5.15
N SER A 102 13.02 7.78 -4.35
CA SER A 102 13.11 6.38 -4.67
C SER A 102 11.73 5.78 -4.76
N TRP A 103 11.41 5.28 -5.94
CA TRP A 103 10.14 4.69 -6.23
C TRP A 103 10.39 3.24 -6.62
N ALA A 104 9.85 2.33 -5.84
CA ALA A 104 10.08 0.91 -6.04
C ALA A 104 8.95 0.15 -6.67
N GLN A 105 9.35 -0.88 -7.38
CA GLN A 105 8.45 -1.75 -8.08
C GLN A 105 7.87 -2.83 -7.17
N VAL A 106 6.63 -2.66 -6.74
CA VAL A 106 6.02 -3.65 -5.91
C VAL A 106 5.09 -4.50 -6.76
N ASN A 107 5.19 -5.82 -6.60
CA ASN A 107 4.41 -6.75 -7.37
C ASN A 107 3.06 -7.01 -6.72
N PHE A 108 2.03 -6.39 -7.26
CA PHE A 108 0.71 -6.56 -6.79
C PHE A 108 -0.10 -7.53 -7.62
N THR A 109 -1.23 -7.86 -7.06
CA THR A 109 -2.21 -8.80 -7.60
C THR A 109 -2.70 -8.52 -9.03
N THR A 110 -3.38 -7.41 -9.21
CA THR A 110 -3.97 -7.02 -10.49
C THR A 110 -3.00 -6.28 -11.38
N GLY A 111 -2.45 -5.20 -10.86
CA GLY A 111 -1.54 -4.39 -11.63
C GLY A 111 -0.19 -5.04 -11.82
N GLY A 112 0.04 -6.18 -11.16
CA GLY A 112 1.31 -6.83 -11.28
C GLY A 112 2.39 -5.91 -10.78
N ASN A 113 2.94 -5.10 -11.66
CA ASN A 113 3.93 -4.14 -11.24
C ASN A 113 3.21 -2.88 -10.75
N VAL A 114 3.61 -2.39 -9.61
CA VAL A 114 3.03 -1.19 -9.04
C VAL A 114 4.12 -0.45 -8.32
N TRP A 115 4.47 0.72 -8.80
CA TRP A 115 5.54 1.46 -8.18
C TRP A 115 5.05 2.41 -7.13
N LEU A 116 5.93 2.68 -6.19
CA LEU A 116 5.64 3.56 -5.11
C LEU A 116 6.90 4.17 -4.59
N ASN A 117 6.86 5.41 -4.15
CA ASN A 117 8.06 5.99 -3.63
C ASN A 117 8.42 5.24 -2.40
N THR A 118 9.33 4.39 -2.70
CA THR A 118 9.87 3.40 -1.82
C THR A 118 10.86 3.96 -0.82
N THR A 119 10.85 5.27 -0.67
CA THR A 119 11.76 5.89 0.29
C THR A 119 11.41 5.44 1.73
N SER A 120 10.77 4.27 1.88
CA SER A 120 10.40 3.71 3.15
C SER A 120 9.78 2.35 2.90
N LYS A 121 10.35 1.31 3.45
CA LYS A 121 9.84 -0.04 3.25
C LYS A 121 8.50 -0.15 3.96
N ASP A 122 8.43 0.46 5.13
CA ASP A 122 7.20 0.52 5.85
C ASP A 122 6.22 1.37 5.05
N ASN A 123 6.71 1.97 3.95
CA ASN A 123 5.87 2.81 3.13
C ASN A 123 4.74 2.00 2.54
N LEU A 124 5.07 0.99 1.80
CA LEU A 124 4.07 0.15 1.22
C LEU A 124 3.29 -0.54 2.29
N LEU A 125 4.02 -1.26 3.11
CA LEU A 125 3.44 -2.00 4.20
C LEU A 125 2.72 -1.10 5.18
N TYR A 126 3.36 0.01 5.56
CA TYR A 126 2.76 0.89 6.55
C TYR A 126 2.30 2.20 5.96
N GLY A 127 2.99 2.65 4.92
CA GLY A 127 2.62 3.92 4.32
C GLY A 127 3.50 5.03 4.82
N LYS A 128 4.71 4.67 5.22
CA LYS A 128 5.66 5.62 5.72
C LYS A 128 6.27 6.42 4.58
N MET A 1 -26.69 -10.58 5.68
CA MET A 1 -26.66 -11.98 5.21
C MET A 1 -26.89 -12.95 6.37
N ARG A 2 -27.25 -14.19 6.03
CA ARG A 2 -27.50 -15.22 7.03
C ARG A 2 -26.45 -16.32 6.96
N GLY A 3 -25.93 -16.58 5.77
CA GLY A 3 -24.93 -17.61 5.59
C GLY A 3 -24.65 -17.89 4.13
N SER A 4 -24.23 -16.86 3.40
CA SER A 4 -23.92 -16.99 1.98
C SER A 4 -22.41 -16.91 1.75
N HIS A 5 -21.69 -16.31 2.68
CA HIS A 5 -20.24 -16.18 2.56
C HIS A 5 -19.54 -16.64 3.83
N HIS A 6 -18.81 -17.74 3.73
CA HIS A 6 -18.08 -18.30 4.86
C HIS A 6 -16.66 -17.73 4.93
N HIS A 7 -16.46 -16.74 5.80
CA HIS A 7 -15.15 -16.11 5.94
C HIS A 7 -14.85 -15.83 7.41
N HIS A 8 -13.74 -16.39 7.89
CA HIS A 8 -13.33 -16.19 9.28
C HIS A 8 -12.41 -14.98 9.42
N HIS A 9 -12.62 -14.22 10.49
CA HIS A 9 -11.80 -13.03 10.74
C HIS A 9 -12.04 -12.47 12.14
N HIS A 10 -12.54 -13.32 13.05
CA HIS A 10 -12.83 -12.91 14.42
C HIS A 10 -11.62 -13.13 15.34
N GLY A 11 -11.28 -14.40 15.53
CA GLY A 11 -10.15 -14.74 16.39
C GLY A 11 -10.59 -15.43 17.67
N SER A 12 -9.65 -15.60 18.60
CA SER A 12 -9.97 -16.25 19.87
C SER A 12 -9.87 -15.26 21.03
N GLU A 13 -8.93 -14.33 20.93
CA GLU A 13 -8.73 -13.33 21.97
C GLU A 13 -9.20 -11.96 21.48
N PRO A 14 -10.01 -11.25 22.28
CA PRO A 14 -10.51 -9.92 21.90
C PRO A 14 -9.51 -8.80 22.21
N THR A 15 -8.24 -9.05 21.89
CA THR A 15 -7.20 -8.07 22.13
C THR A 15 -7.13 -7.07 20.97
N THR A 16 -6.46 -5.94 21.21
CA THR A 16 -6.33 -4.92 20.18
C THR A 16 -5.12 -5.19 19.29
N PRO A 17 -5.23 -4.94 17.98
CA PRO A 17 -4.14 -5.15 17.03
C PRO A 17 -3.06 -4.09 17.12
N THR A 18 -1.85 -4.44 16.68
CA THR A 18 -0.72 -3.52 16.71
C THR A 18 0.31 -3.91 15.64
N THR A 19 -0.20 -4.36 14.50
CA THR A 19 0.66 -4.77 13.39
C THR A 19 -0.11 -4.66 12.07
N ASN A 20 -1.05 -3.73 12.02
CA ASN A 20 -1.88 -3.52 10.84
C ASN A 20 -1.24 -2.56 9.84
N LEU A 21 -1.41 -2.88 8.56
CA LEU A 21 -0.87 -2.07 7.47
C LEU A 21 -1.39 -0.65 7.59
N LYS A 22 -0.59 0.20 8.20
CA LYS A 22 -0.94 1.60 8.42
C LYS A 22 -1.59 2.22 7.17
N ILE A 23 -2.20 3.38 7.38
CA ILE A 23 -2.93 4.08 6.33
C ILE A 23 -2.04 4.73 5.27
N TYR A 24 -2.65 4.90 4.10
CA TYR A 24 -2.05 5.53 2.94
C TYR A 24 -2.78 6.85 2.74
N LYS A 25 -2.29 7.71 1.87
CA LYS A 25 -2.98 8.96 1.62
C LYS A 25 -3.46 9.06 0.17
N VAL A 26 -4.75 8.98 -0.04
CA VAL A 26 -5.26 9.08 -1.38
C VAL A 26 -5.30 10.53 -1.81
N ASP A 27 -4.13 10.97 -2.21
CA ASP A 27 -3.91 12.34 -2.65
C ASP A 27 -4.33 12.56 -4.08
N ASP A 28 -4.31 11.49 -4.87
CA ASP A 28 -4.70 11.61 -6.27
C ASP A 28 -4.73 10.26 -6.98
N LEU A 29 -5.92 9.87 -7.43
CA LEU A 29 -6.07 8.64 -8.17
C LEU A 29 -6.86 8.89 -9.44
N GLN A 30 -6.39 8.28 -10.52
CA GLN A 30 -6.97 8.42 -11.85
C GLN A 30 -7.16 7.11 -12.57
N LYS A 31 -8.02 7.12 -13.59
CA LYS A 31 -8.18 5.92 -14.39
C LYS A 31 -6.87 5.83 -15.17
N ILE A 32 -6.01 4.94 -14.71
CA ILE A 32 -4.65 4.85 -15.23
C ILE A 32 -4.28 3.47 -15.75
N ASN A 33 -3.75 3.45 -16.99
CA ASN A 33 -3.35 2.20 -17.63
C ASN A 33 -4.47 1.17 -17.62
N GLY A 34 -5.69 1.66 -17.75
CA GLY A 34 -6.85 0.79 -17.76
C GLY A 34 -7.29 0.38 -16.36
N ILE A 35 -6.61 0.89 -15.35
CA ILE A 35 -6.93 0.58 -13.97
C ILE A 35 -6.80 1.82 -13.11
N TRP A 36 -7.66 1.95 -12.11
CA TRP A 36 -7.61 3.10 -11.23
C TRP A 36 -6.25 3.15 -10.53
N GLN A 37 -5.59 4.30 -10.54
CA GLN A 37 -4.28 4.42 -9.93
C GLN A 37 -4.30 5.38 -8.78
N VAL A 38 -3.48 5.09 -7.78
CA VAL A 38 -3.43 5.92 -6.58
C VAL A 38 -2.11 6.65 -6.37
N ARG A 39 -2.23 7.81 -5.71
CA ARG A 39 -1.08 8.64 -5.37
C ARG A 39 -1.26 9.33 -4.01
N ASN A 40 -0.18 9.47 -3.25
CA ASN A 40 -0.22 10.20 -2.00
C ASN A 40 0.92 11.15 -1.96
N ASN A 41 0.71 12.18 -1.24
CA ASN A 41 1.70 13.23 -1.07
C ASN A 41 2.99 12.71 -0.41
N ILE A 42 2.94 11.53 0.22
CA ILE A 42 4.09 10.98 0.88
C ILE A 42 4.95 10.21 -0.09
N LEU A 43 4.31 9.32 -0.83
CA LEU A 43 4.99 8.53 -1.81
C LEU A 43 4.76 9.10 -3.19
N VAL A 44 3.85 10.06 -3.31
CA VAL A 44 3.57 10.65 -4.60
C VAL A 44 3.16 12.09 -4.49
N PRO A 45 4.11 12.94 -4.15
CA PRO A 45 3.89 14.36 -4.05
C PRO A 45 3.18 14.85 -5.29
N THR A 46 3.51 14.18 -6.39
CA THR A 46 2.93 14.46 -7.69
C THR A 46 3.68 13.71 -8.80
N ASP A 47 2.97 13.44 -9.90
CA ASP A 47 3.57 12.77 -11.06
C ASP A 47 3.86 11.29 -10.87
N PHE A 48 2.87 10.51 -10.52
CA PHE A 48 3.05 9.09 -10.38
C PHE A 48 2.97 8.51 -11.76
N THR A 49 4.06 7.98 -12.24
CA THR A 49 4.07 7.42 -13.59
C THR A 49 2.87 6.52 -13.80
N TRP A 50 1.82 7.13 -14.31
CA TRP A 50 0.58 6.43 -14.59
C TRP A 50 0.87 5.12 -15.33
N VAL A 51 1.98 5.11 -16.04
CA VAL A 51 2.40 3.97 -16.83
C VAL A 51 2.44 2.71 -16.01
N ASP A 52 3.20 2.79 -14.95
CA ASP A 52 3.39 1.66 -14.09
C ASP A 52 3.75 2.04 -12.67
N ASN A 53 4.06 3.30 -12.46
CA ASN A 53 4.46 3.74 -11.13
C ASN A 53 3.26 4.14 -10.34
N GLY A 54 2.17 4.31 -11.02
CA GLY A 54 0.99 4.61 -10.37
C GLY A 54 0.44 3.34 -9.79
N ILE A 55 -0.17 3.47 -8.65
CA ILE A 55 -0.72 2.29 -7.98
C ILE A 55 -2.08 1.93 -8.52
N ALA A 56 -2.22 0.74 -9.08
CA ALA A 56 -3.52 0.31 -9.55
C ALA A 56 -4.39 0.07 -8.35
N ALA A 57 -5.04 1.14 -7.91
CA ALA A 57 -5.88 1.13 -6.74
C ALA A 57 -6.60 -0.20 -6.51
N ASP A 58 -7.01 -0.84 -7.59
CA ASP A 58 -7.72 -2.12 -7.48
C ASP A 58 -6.90 -3.11 -6.66
N ASP A 59 -5.59 -3.05 -6.83
CA ASP A 59 -4.68 -3.90 -6.11
C ASP A 59 -4.68 -3.62 -4.62
N VAL A 60 -5.01 -2.39 -4.23
CA VAL A 60 -5.02 -2.03 -2.83
C VAL A 60 -6.41 -2.05 -2.25
N ILE A 61 -6.51 -1.58 -1.01
CA ILE A 61 -7.73 -1.58 -0.29
C ILE A 61 -7.88 -0.38 0.61
N GLU A 62 -8.77 0.51 0.23
CA GLU A 62 -9.02 1.73 0.97
C GLU A 62 -9.60 1.47 2.35
N VAL A 63 -8.92 2.01 3.36
CA VAL A 63 -9.37 1.87 4.73
C VAL A 63 -9.92 3.18 5.24
N THR A 64 -10.59 3.14 6.39
CA THR A 64 -11.13 4.36 7.00
C THR A 64 -10.04 5.01 7.84
N SER A 65 -10.20 6.30 8.12
CA SER A 65 -9.22 7.08 8.89
C SER A 65 -8.60 6.28 10.04
N ASN A 66 -9.36 5.34 10.60
CA ASN A 66 -8.87 4.53 11.69
C ASN A 66 -8.04 3.35 11.18
N GLY A 67 -8.05 3.17 9.88
CA GLY A 67 -7.33 2.08 9.26
C GLY A 67 -8.22 0.90 9.02
N THR A 68 -9.53 1.15 8.95
CA THR A 68 -10.49 0.10 8.75
C THR A 68 -10.50 -0.38 7.31
N ARG A 69 -10.14 -1.65 7.11
CA ARG A 69 -10.11 -2.24 5.78
C ARG A 69 -11.51 -2.51 5.25
N THR A 70 -11.70 -2.31 3.95
CA THR A 70 -13.00 -2.53 3.32
C THR A 70 -12.84 -2.73 1.80
N SER A 71 -12.58 -3.97 1.40
CA SER A 71 -12.40 -4.31 -0.01
C SER A 71 -13.74 -4.35 -0.75
N ASP A 72 -14.81 -4.67 -0.02
CA ASP A 72 -16.14 -4.76 -0.62
C ASP A 72 -16.52 -3.45 -1.30
N GLN A 73 -16.06 -2.33 -0.74
CA GLN A 73 -16.35 -1.01 -1.30
C GLN A 73 -15.50 -0.71 -2.52
N VAL A 74 -15.71 0.48 -3.09
CA VAL A 74 -14.96 0.92 -4.27
C VAL A 74 -13.99 2.03 -3.91
N LEU A 75 -12.73 1.88 -4.30
CA LEU A 75 -11.71 2.88 -4.00
C LEU A 75 -12.06 4.24 -4.56
N GLN A 76 -11.62 5.27 -3.85
CA GLN A 76 -11.84 6.65 -4.24
C GLN A 76 -10.75 7.52 -3.63
N LYS A 77 -10.17 8.39 -4.44
CA LYS A 77 -9.10 9.27 -3.98
C LYS A 77 -9.62 10.47 -3.20
N GLY A 78 -8.79 10.95 -2.29
CA GLY A 78 -9.15 12.08 -1.48
C GLY A 78 -9.21 11.70 -0.03
N GLY A 79 -8.53 10.60 0.32
CA GLY A 79 -8.57 10.17 1.69
C GLY A 79 -7.36 9.36 2.12
N TYR A 80 -7.59 8.06 2.31
CA TYR A 80 -6.57 7.15 2.75
C TYR A 80 -6.87 5.75 2.24
N PHE A 81 -5.86 4.90 2.21
CA PHE A 81 -6.07 3.52 1.79
C PHE A 81 -5.05 2.62 2.39
N VAL A 82 -5.23 1.35 2.17
CA VAL A 82 -4.32 0.38 2.68
C VAL A 82 -4.06 -0.62 1.59
N ILE A 83 -2.80 -0.82 1.25
CA ILE A 83 -2.47 -1.74 0.20
C ILE A 83 -2.63 -3.17 0.65
N ASN A 84 -3.58 -3.86 0.07
CA ASN A 84 -3.78 -5.24 0.42
C ASN A 84 -2.47 -6.00 0.23
N PRO A 85 -1.89 -6.52 1.32
CA PRO A 85 -0.63 -7.29 1.26
C PRO A 85 -0.85 -8.59 0.54
N ASN A 86 -2.08 -9.03 0.62
CA ASN A 86 -2.48 -10.24 -0.01
C ASN A 86 -2.55 -10.05 -1.53
N ASN A 87 -2.76 -8.81 -1.94
CA ASN A 87 -2.75 -8.47 -3.34
C ASN A 87 -1.31 -8.28 -3.74
N VAL A 88 -0.45 -8.41 -2.75
CA VAL A 88 0.93 -8.22 -2.90
C VAL A 88 1.69 -9.50 -3.00
N LYS A 89 2.47 -9.51 -4.01
CA LYS A 89 3.34 -10.60 -4.33
C LYS A 89 4.67 -10.33 -3.70
N SER A 90 5.06 -9.07 -3.78
CA SER A 90 6.35 -8.65 -3.21
C SER A 90 6.67 -7.18 -3.46
N VAL A 91 7.76 -6.73 -2.85
CA VAL A 91 8.26 -5.38 -3.03
C VAL A 91 9.55 -5.47 -3.84
N GLY A 92 9.63 -4.69 -4.91
CA GLY A 92 10.77 -4.73 -5.79
C GLY A 92 11.75 -3.61 -5.58
N THR A 93 12.77 -3.67 -6.40
CA THR A 93 13.86 -2.72 -6.40
C THR A 93 13.37 -1.34 -6.72
N PRO A 94 13.92 -0.38 -6.00
CA PRO A 94 13.61 1.02 -6.10
C PRO A 94 14.31 1.72 -7.26
N MET A 95 13.73 2.83 -7.68
CA MET A 95 14.27 3.61 -8.78
C MET A 95 13.95 5.10 -8.59
N LYS A 96 14.92 5.96 -8.83
CA LYS A 96 14.69 7.40 -8.71
C LYS A 96 14.11 7.97 -9.99
N GLY A 97 12.99 8.67 -9.89
CA GLY A 97 12.38 9.23 -11.09
C GLY A 97 11.17 10.10 -10.82
N SER A 98 10.19 9.55 -10.11
CA SER A 98 8.98 10.31 -9.80
C SER A 98 9.31 11.49 -8.90
N GLY A 99 10.00 12.49 -9.46
CA GLY A 99 10.36 13.67 -8.68
C GLY A 99 11.84 13.72 -8.34
N GLY A 100 12.38 12.62 -7.80
CA GLY A 100 13.78 12.58 -7.43
C GLY A 100 14.08 11.58 -6.33
N LEU A 101 13.04 11.10 -5.66
CA LEU A 101 13.14 10.15 -4.59
C LEU A 101 13.40 8.75 -5.10
N SER A 102 12.97 7.81 -4.30
CA SER A 102 13.07 6.41 -4.58
C SER A 102 11.68 5.80 -4.71
N TRP A 103 11.39 5.30 -5.88
CA TRP A 103 10.12 4.70 -6.19
C TRP A 103 10.39 3.27 -6.61
N ALA A 104 9.85 2.35 -5.85
CA ALA A 104 10.09 0.94 -6.07
C ALA A 104 8.96 0.18 -6.70
N GLN A 105 9.37 -0.80 -7.48
CA GLN A 105 8.48 -1.66 -8.20
C GLN A 105 7.92 -2.75 -7.30
N VAL A 106 6.67 -2.61 -6.87
CA VAL A 106 6.10 -3.61 -6.03
C VAL A 106 5.22 -4.52 -6.88
N ASN A 107 5.31 -5.81 -6.60
CA ASN A 107 4.59 -6.82 -7.34
C ASN A 107 3.22 -7.06 -6.74
N PHE A 108 2.22 -6.48 -7.36
CA PHE A 108 0.87 -6.65 -6.96
C PHE A 108 0.20 -7.67 -7.83
N THR A 109 -0.84 -8.22 -7.30
CA THR A 109 -1.65 -9.25 -7.96
C THR A 109 -2.24 -8.82 -9.29
N THR A 110 -3.09 -7.81 -9.24
CA THR A 110 -3.77 -7.28 -10.41
C THR A 110 -2.91 -6.27 -11.09
N GLY A 111 -2.36 -5.40 -10.29
CA GLY A 111 -1.50 -4.38 -10.78
C GLY A 111 -0.16 -4.93 -11.20
N GLY A 112 0.05 -6.24 -11.02
CA GLY A 112 1.31 -6.84 -11.37
C GLY A 112 2.45 -5.98 -10.89
N ASN A 113 2.96 -5.12 -11.73
CA ASN A 113 3.99 -4.20 -11.33
C ASN A 113 3.31 -2.90 -10.90
N VAL A 114 3.66 -2.41 -9.72
CA VAL A 114 3.08 -1.17 -9.22
C VAL A 114 4.16 -0.46 -8.44
N TRP A 115 4.50 0.73 -8.86
CA TRP A 115 5.55 1.45 -8.19
C TRP A 115 5.05 2.38 -7.13
N LEU A 116 5.92 2.65 -6.19
CA LEU A 116 5.60 3.51 -5.09
C LEU A 116 6.85 4.13 -4.58
N ASN A 117 6.78 5.35 -4.11
CA ASN A 117 7.98 5.93 -3.58
C ASN A 117 8.35 5.15 -2.37
N THR A 118 9.29 4.35 -2.69
CA THR A 118 9.85 3.35 -1.84
C THR A 118 10.82 3.90 -0.82
N THR A 119 10.80 5.20 -0.64
CA THR A 119 11.67 5.81 0.36
C THR A 119 11.34 5.30 1.77
N SER A 120 10.69 4.11 1.86
CA SER A 120 10.34 3.48 3.11
C SER A 120 9.72 2.13 2.76
N LYS A 121 10.26 1.07 3.32
CA LYS A 121 9.76 -0.26 3.04
C LYS A 121 8.43 -0.44 3.75
N ASP A 122 8.37 0.06 4.98
CA ASP A 122 7.14 0.05 5.69
C ASP A 122 6.16 0.97 4.97
N ASN A 123 6.63 1.64 3.90
CA ASN A 123 5.80 2.54 3.14
C ASN A 123 4.63 1.78 2.52
N LEU A 124 4.94 0.81 1.73
CA LEU A 124 3.91 0.01 1.12
C LEU A 124 3.13 -0.71 2.18
N LEU A 125 3.87 -1.46 2.97
CA LEU A 125 3.30 -2.24 4.04
C LEU A 125 2.56 -1.38 5.05
N TYR A 126 3.18 -0.27 5.43
CA TYR A 126 2.60 0.59 6.45
C TYR A 126 2.31 1.99 5.93
N GLY A 127 3.10 2.46 4.98
CA GLY A 127 2.89 3.80 4.47
C GLY A 127 3.85 4.78 5.09
N LYS A 128 5.01 4.28 5.47
CA LYS A 128 6.03 5.10 6.07
C LYS A 128 6.75 5.94 5.02
N MET A 1 13.54 18.20 26.37
CA MET A 1 12.47 18.70 27.28
C MET A 1 11.83 17.55 28.04
N ARG A 2 11.03 16.75 27.33
CA ARG A 2 10.36 15.60 27.93
C ARG A 2 11.35 14.54 28.35
N GLY A 3 11.13 13.96 29.54
CA GLY A 3 12.02 12.92 30.03
C GLY A 3 11.40 11.54 29.93
N SER A 4 10.08 11.47 30.05
CA SER A 4 9.38 10.20 29.97
C SER A 4 9.31 9.70 28.53
N HIS A 5 9.70 8.44 28.32
CA HIS A 5 9.68 7.85 26.99
C HIS A 5 9.70 6.33 27.08
N HIS A 6 8.96 5.78 28.04
CA HIS A 6 8.90 4.34 28.23
C HIS A 6 7.48 3.89 28.57
N HIS A 7 6.94 2.97 27.78
CA HIS A 7 5.60 2.46 28.00
C HIS A 7 5.54 0.95 27.76
N HIS A 8 5.36 0.20 28.84
CA HIS A 8 5.28 -1.25 28.75
C HIS A 8 3.84 -1.71 28.55
N HIS A 9 3.54 -2.17 27.34
CA HIS A 9 2.19 -2.63 27.01
C HIS A 9 2.21 -4.08 26.52
N HIS A 10 1.07 -4.75 26.62
CA HIS A 10 0.96 -6.14 26.18
C HIS A 10 1.86 -7.06 27.01
N GLY A 11 1.37 -7.50 28.17
CA GLY A 11 2.16 -8.37 29.02
C GLY A 11 1.32 -9.37 29.80
N SER A 12 0.08 -9.03 30.10
CA SER A 12 -0.80 -9.92 30.86
C SER A 12 -1.82 -10.61 29.96
N GLU A 13 -2.13 -10.00 28.82
CA GLU A 13 -3.10 -10.57 27.90
C GLU A 13 -2.77 -10.21 26.44
N PRO A 14 -2.02 -11.09 25.74
CA PRO A 14 -1.65 -10.86 24.34
C PRO A 14 -2.84 -10.94 23.39
N THR A 15 -3.57 -9.84 23.27
CA THR A 15 -4.73 -9.78 22.40
C THR A 15 -4.30 -9.53 20.96
N THR A 16 -5.24 -9.14 20.10
CA THR A 16 -4.94 -8.87 18.70
C THR A 16 -4.11 -7.59 18.56
N PRO A 17 -3.00 -7.66 17.82
CA PRO A 17 -2.13 -6.50 17.61
C PRO A 17 -2.68 -5.54 16.58
N THR A 18 -2.40 -4.26 16.76
CA THR A 18 -2.87 -3.24 15.84
C THR A 18 -1.80 -2.89 14.80
N THR A 19 -0.59 -3.39 15.02
CA THR A 19 0.51 -3.14 14.10
C THR A 19 0.33 -3.95 12.82
N ASN A 20 -0.17 -3.28 11.77
CA ASN A 20 -0.40 -3.93 10.50
C ASN A 20 -0.93 -2.97 9.44
N LEU A 21 -0.44 -3.13 8.22
CA LEU A 21 -0.85 -2.33 7.08
C LEU A 21 -1.39 -0.94 7.46
N LYS A 22 -0.49 -0.05 7.85
CA LYS A 22 -0.88 1.31 8.21
C LYS A 22 -1.54 2.01 7.01
N ILE A 23 -2.14 3.16 7.26
CA ILE A 23 -2.85 3.90 6.24
C ILE A 23 -1.94 4.59 5.21
N TYR A 24 -2.55 4.79 4.03
CA TYR A 24 -1.95 5.45 2.89
C TYR A 24 -2.67 6.77 2.71
N LYS A 25 -2.20 7.64 1.84
CA LYS A 25 -2.91 8.89 1.61
C LYS A 25 -3.40 8.98 0.17
N VAL A 26 -4.70 8.90 -0.03
CA VAL A 26 -5.22 9.01 -1.37
C VAL A 26 -5.29 10.46 -1.77
N ASP A 27 -4.14 10.93 -2.17
CA ASP A 27 -3.94 12.32 -2.57
C ASP A 27 -4.38 12.56 -4.01
N ASP A 28 -4.34 11.51 -4.82
CA ASP A 28 -4.74 11.65 -6.22
C ASP A 28 -4.76 10.31 -6.94
N LEU A 29 -5.95 9.90 -7.39
CA LEU A 29 -6.07 8.66 -8.13
C LEU A 29 -6.86 8.90 -9.41
N GLN A 30 -6.37 8.30 -10.48
CA GLN A 30 -6.94 8.43 -11.81
C GLN A 30 -7.16 7.11 -12.50
N LYS A 31 -8.02 7.11 -13.52
CA LYS A 31 -8.20 5.92 -14.29
C LYS A 31 -6.92 5.81 -15.09
N ILE A 32 -6.04 4.93 -14.64
CA ILE A 32 -4.70 4.85 -15.19
C ILE A 32 -4.33 3.46 -15.70
N ASN A 33 -3.97 3.39 -16.97
CA ASN A 33 -3.59 2.14 -17.61
C ASN A 33 -4.74 1.15 -17.56
N GLY A 34 -5.97 1.67 -17.70
CA GLY A 34 -7.13 0.85 -17.65
C GLY A 34 -7.47 0.39 -16.24
N ILE A 35 -6.71 0.89 -15.28
CA ILE A 35 -6.90 0.54 -13.88
C ILE A 35 -6.81 1.79 -13.02
N TRP A 36 -7.67 1.90 -12.02
CA TRP A 36 -7.64 3.06 -11.14
C TRP A 36 -6.28 3.12 -10.45
N GLN A 37 -5.63 4.28 -10.48
CA GLN A 37 -4.31 4.41 -9.89
C GLN A 37 -4.32 5.39 -8.75
N VAL A 38 -3.51 5.10 -7.74
CA VAL A 38 -3.46 5.93 -6.55
C VAL A 38 -2.14 6.67 -6.36
N ARG A 39 -2.24 7.84 -5.70
CA ARG A 39 -1.09 8.66 -5.38
C ARG A 39 -1.26 9.35 -4.02
N ASN A 40 -0.19 9.46 -3.25
CA ASN A 40 -0.24 10.18 -1.99
C ASN A 40 0.91 11.15 -1.96
N ASN A 41 0.69 12.18 -1.23
CA ASN A 41 1.67 13.23 -1.07
C ASN A 41 2.98 12.72 -0.41
N ILE A 42 2.95 11.54 0.21
CA ILE A 42 4.09 10.99 0.87
C ILE A 42 4.98 10.25 -0.12
N LEU A 43 4.34 9.37 -0.86
CA LEU A 43 5.02 8.60 -1.87
C LEU A 43 4.76 9.18 -3.24
N VAL A 44 3.83 10.12 -3.34
CA VAL A 44 3.52 10.70 -4.62
C VAL A 44 3.10 12.15 -4.51
N PRO A 45 4.06 13.00 -4.17
CA PRO A 45 3.82 14.42 -4.05
C PRO A 45 3.14 14.92 -5.31
N THR A 46 3.47 14.24 -6.40
CA THR A 46 2.90 14.53 -7.72
C THR A 46 3.65 13.77 -8.82
N ASP A 47 2.94 13.48 -9.92
CA ASP A 47 3.54 12.80 -11.08
C ASP A 47 3.84 11.32 -10.87
N PHE A 48 2.85 10.53 -10.53
CA PHE A 48 3.03 9.12 -10.39
C PHE A 48 2.94 8.52 -11.77
N THR A 49 4.04 8.01 -12.27
CA THR A 49 4.06 7.45 -13.60
C THR A 49 2.87 6.52 -13.80
N TRP A 50 1.81 7.11 -14.30
CA TRP A 50 0.58 6.39 -14.58
C TRP A 50 0.88 5.06 -15.28
N VAL A 51 1.98 5.05 -16.00
CA VAL A 51 2.42 3.88 -16.75
C VAL A 51 2.50 2.66 -15.87
N ASP A 52 3.29 2.81 -14.84
CA ASP A 52 3.51 1.72 -13.92
C ASP A 52 3.85 2.18 -12.51
N ASN A 53 4.12 3.45 -12.35
CA ASN A 53 4.46 3.96 -11.04
C ASN A 53 3.23 4.33 -10.28
N GLY A 54 2.14 4.37 -10.97
CA GLY A 54 0.92 4.62 -10.37
C GLY A 54 0.41 3.35 -9.77
N ILE A 55 -0.20 3.47 -8.63
CA ILE A 55 -0.72 2.30 -7.94
C ILE A 55 -2.08 1.90 -8.48
N ALA A 56 -2.20 0.72 -9.06
CA ALA A 56 -3.49 0.28 -9.52
C ALA A 56 -4.34 0.00 -8.31
N ALA A 57 -5.00 1.06 -7.85
CA ALA A 57 -5.82 1.01 -6.67
C ALA A 57 -6.55 -0.32 -6.47
N ASP A 58 -6.96 -0.94 -7.56
CA ASP A 58 -7.66 -2.21 -7.49
C ASP A 58 -6.86 -3.22 -6.68
N ASP A 59 -5.55 -3.13 -6.79
CA ASP A 59 -4.65 -4.01 -6.08
C ASP A 59 -4.65 -3.74 -4.59
N VAL A 60 -4.95 -2.50 -4.20
CA VAL A 60 -4.95 -2.15 -2.80
C VAL A 60 -6.33 -2.17 -2.22
N ILE A 61 -6.41 -1.73 -0.98
CA ILE A 61 -7.64 -1.73 -0.26
C ILE A 61 -7.76 -0.51 0.62
N GLU A 62 -8.59 0.42 0.18
CA GLU A 62 -8.79 1.66 0.89
C GLU A 62 -9.46 1.46 2.24
N VAL A 63 -8.81 2.00 3.27
CA VAL A 63 -9.32 1.91 4.61
C VAL A 63 -9.65 3.28 5.16
N THR A 64 -10.47 3.32 6.21
CA THR A 64 -10.83 4.60 6.83
C THR A 64 -9.74 5.00 7.82
N SER A 65 -9.74 6.27 8.22
CA SER A 65 -8.74 6.83 9.13
C SER A 65 -8.33 5.85 10.23
N ASN A 66 -9.27 5.04 10.70
CA ASN A 66 -8.97 4.08 11.74
C ASN A 66 -8.31 2.83 11.17
N GLY A 67 -8.20 2.79 9.85
CA GLY A 67 -7.62 1.66 9.17
C GLY A 67 -8.65 0.63 8.84
N THR A 68 -9.90 1.07 8.76
CA THR A 68 -11.01 0.18 8.47
C THR A 68 -11.03 -0.20 6.99
N ARG A 69 -10.85 -1.48 6.72
CA ARG A 69 -10.85 -1.98 5.35
C ARG A 69 -12.23 -1.88 4.71
N THR A 70 -12.32 -1.06 3.67
CA THR A 70 -13.57 -0.87 2.95
C THR A 70 -13.81 -2.02 1.98
N SER A 71 -14.47 -3.07 2.46
CA SER A 71 -14.76 -4.23 1.64
C SER A 71 -15.64 -3.88 0.43
N ASP A 72 -16.20 -2.67 0.43
CA ASP A 72 -17.07 -2.23 -0.67
C ASP A 72 -16.41 -2.49 -2.03
N GLN A 73 -15.08 -2.52 -2.05
CA GLN A 73 -14.34 -2.77 -3.29
C GLN A 73 -14.34 -1.55 -4.20
N VAL A 74 -14.86 -0.42 -3.70
CA VAL A 74 -14.91 0.81 -4.48
C VAL A 74 -13.92 1.84 -3.95
N LEU A 75 -12.78 1.98 -4.63
CA LEU A 75 -11.75 2.94 -4.23
C LEU A 75 -12.05 4.34 -4.75
N GLN A 76 -11.59 5.33 -4.01
CA GLN A 76 -11.77 6.72 -4.38
C GLN A 76 -10.70 7.57 -3.71
N LYS A 77 -10.09 8.45 -4.50
CA LYS A 77 -9.04 9.32 -4.00
C LYS A 77 -9.57 10.47 -3.16
N GLY A 78 -8.74 10.92 -2.23
CA GLY A 78 -9.10 12.01 -1.37
C GLY A 78 -9.14 11.58 0.07
N GLY A 79 -8.49 10.46 0.37
CA GLY A 79 -8.51 10.01 1.75
C GLY A 79 -7.29 9.22 2.16
N TYR A 80 -7.50 7.93 2.36
CA TYR A 80 -6.45 7.02 2.77
C TYR A 80 -6.75 5.63 2.26
N PHE A 81 -5.74 4.78 2.20
CA PHE A 81 -5.95 3.42 1.78
C PHE A 81 -4.92 2.51 2.36
N VAL A 82 -5.10 1.25 2.16
CA VAL A 82 -4.18 0.29 2.65
C VAL A 82 -3.93 -0.73 1.57
N ILE A 83 -2.68 -0.92 1.21
CA ILE A 83 -2.35 -1.85 0.16
C ILE A 83 -2.50 -3.26 0.66
N ASN A 84 -3.47 -3.96 0.13
CA ASN A 84 -3.65 -5.34 0.53
C ASN A 84 -2.31 -6.07 0.36
N PRO A 85 -1.71 -6.52 1.47
CA PRO A 85 -0.43 -7.24 1.45
C PRO A 85 -0.60 -8.60 0.87
N ASN A 86 -1.81 -9.09 1.03
CA ASN A 86 -2.16 -10.39 0.55
C ASN A 86 -2.32 -10.34 -0.97
N ASN A 87 -2.69 -9.19 -1.47
CA ASN A 87 -2.81 -8.98 -2.88
C ASN A 87 -1.44 -8.67 -3.42
N VAL A 88 -0.49 -8.61 -2.50
CA VAL A 88 0.83 -8.32 -2.79
C VAL A 88 1.66 -9.54 -2.94
N LYS A 89 2.35 -9.53 -4.02
CA LYS A 89 3.24 -10.58 -4.38
C LYS A 89 4.53 -10.36 -3.65
N SER A 90 4.96 -9.11 -3.71
CA SER A 90 6.20 -8.71 -3.05
C SER A 90 6.57 -7.26 -3.38
N VAL A 91 7.60 -6.76 -2.71
CA VAL A 91 8.11 -5.44 -2.98
C VAL A 91 9.35 -5.59 -3.86
N GLY A 92 9.58 -4.64 -4.76
CA GLY A 92 10.68 -4.74 -5.67
C GLY A 92 11.68 -3.62 -5.53
N THR A 93 12.69 -3.72 -6.35
CA THR A 93 13.78 -2.78 -6.41
C THR A 93 13.29 -1.39 -6.74
N PRO A 94 13.87 -0.43 -6.03
CA PRO A 94 13.55 0.97 -6.16
C PRO A 94 14.25 1.66 -7.33
N MET A 95 13.68 2.77 -7.74
CA MET A 95 14.20 3.57 -8.84
C MET A 95 13.87 5.04 -8.64
N LYS A 96 14.87 5.90 -8.78
CA LYS A 96 14.63 7.34 -8.62
C LYS A 96 14.14 7.96 -9.92
N GLY A 97 13.00 8.64 -9.88
CA GLY A 97 12.47 9.25 -11.07
C GLY A 97 11.26 10.13 -10.83
N SER A 98 10.28 9.61 -10.10
CA SER A 98 9.07 10.37 -9.81
C SER A 98 9.40 11.57 -8.91
N GLY A 99 10.10 12.55 -9.47
CA GLY A 99 10.48 13.73 -8.71
C GLY A 99 11.95 13.79 -8.36
N GLY A 100 12.47 12.69 -7.82
CA GLY A 100 13.87 12.64 -7.43
C GLY A 100 14.17 11.61 -6.36
N LEU A 101 13.12 11.15 -5.69
CA LEU A 101 13.22 10.18 -4.64
C LEU A 101 13.45 8.78 -5.16
N SER A 102 13.01 7.83 -4.36
CA SER A 102 13.09 6.43 -4.66
C SER A 102 11.69 5.85 -4.77
N TRP A 103 11.38 5.35 -5.94
CA TRP A 103 10.10 4.76 -6.23
C TRP A 103 10.35 3.33 -6.64
N ALA A 104 9.82 2.42 -5.86
CA ALA A 104 10.05 1.00 -6.06
C ALA A 104 8.92 0.24 -6.70
N GLN A 105 9.34 -0.78 -7.43
CA GLN A 105 8.46 -1.66 -8.13
C GLN A 105 7.92 -2.75 -7.24
N VAL A 106 6.67 -2.64 -6.79
CA VAL A 106 6.10 -3.64 -5.96
C VAL A 106 5.17 -4.50 -6.79
N ASN A 107 5.21 -5.80 -6.57
CA ASN A 107 4.42 -6.73 -7.33
C ASN A 107 3.07 -6.97 -6.68
N PHE A 108 2.05 -6.34 -7.23
CA PHE A 108 0.74 -6.48 -6.74
C PHE A 108 -0.05 -7.48 -7.57
N THR A 109 -1.16 -7.83 -7.00
CA THR A 109 -2.12 -8.79 -7.54
C THR A 109 -2.57 -8.56 -8.99
N THR A 110 -3.28 -7.46 -9.21
CA THR A 110 -3.83 -7.13 -10.52
C THR A 110 -2.86 -6.38 -11.43
N GLY A 111 -2.37 -5.26 -10.93
CA GLY A 111 -1.46 -4.46 -11.70
C GLY A 111 -0.10 -5.09 -11.84
N GLY A 112 0.13 -6.21 -11.14
CA GLY A 112 1.41 -6.85 -11.20
C GLY A 112 2.47 -5.90 -10.74
N ASN A 113 3.06 -5.17 -11.64
CA ASN A 113 4.03 -4.19 -11.25
C ASN A 113 3.32 -2.91 -10.84
N VAL A 114 3.66 -2.40 -9.68
CA VAL A 114 3.08 -1.18 -9.17
C VAL A 114 4.15 -0.44 -8.42
N TRP A 115 4.46 0.76 -8.84
CA TRP A 115 5.51 1.48 -8.18
C TRP A 115 5.01 2.42 -7.11
N LEU A 116 5.89 2.68 -6.17
CA LEU A 116 5.59 3.54 -5.06
C LEU A 116 6.85 4.18 -4.56
N ASN A 117 6.79 5.41 -4.13
CA ASN A 117 7.99 6.02 -3.62
C ASN A 117 8.38 5.27 -2.40
N THR A 118 9.30 4.44 -2.71
CA THR A 118 9.87 3.45 -1.83
C THR A 118 10.84 4.01 -0.83
N THR A 119 10.84 5.32 -0.65
CA THR A 119 11.74 5.91 0.32
C THR A 119 11.39 5.44 1.75
N SER A 120 10.76 4.27 1.86
CA SER A 120 10.38 3.67 3.11
C SER A 120 9.80 2.30 2.79
N LYS A 121 10.33 1.27 3.41
CA LYS A 121 9.86 -0.08 3.15
C LYS A 121 8.51 -0.27 3.81
N ASP A 122 8.39 0.26 5.01
CA ASP A 122 7.15 0.26 5.70
C ASP A 122 6.18 1.15 4.93
N ASN A 123 6.68 1.80 3.87
CA ASN A 123 5.85 2.68 3.08
C ASN A 123 4.73 1.91 2.43
N LEU A 124 5.07 0.95 1.65
CA LEU A 124 4.07 0.12 1.01
C LEU A 124 3.30 -0.64 2.05
N LEU A 125 4.06 -1.37 2.84
CA LEU A 125 3.50 -2.17 3.89
C LEU A 125 2.72 -1.35 4.89
N TYR A 126 3.28 -0.24 5.30
CA TYR A 126 2.63 0.59 6.30
C TYR A 126 2.22 1.95 5.77
N GLY A 127 3.00 2.45 4.82
CA GLY A 127 2.68 3.77 4.28
C GLY A 127 3.56 4.84 4.87
N LYS A 128 4.76 4.43 5.28
CA LYS A 128 5.71 5.34 5.86
C LYS A 128 6.35 6.22 4.78
N MET A 1 -6.38 -42.11 17.99
CA MET A 1 -7.74 -41.59 18.31
C MET A 1 -8.58 -41.45 17.04
N ARG A 2 -9.87 -41.20 17.24
CA ARG A 2 -10.78 -41.04 16.10
C ARG A 2 -10.77 -39.60 15.59
N GLY A 3 -10.35 -39.42 14.34
CA GLY A 3 -10.31 -38.10 13.76
C GLY A 3 -8.90 -37.67 13.40
N SER A 4 -8.31 -36.80 14.21
CA SER A 4 -6.95 -36.31 13.97
C SER A 4 -5.94 -37.45 14.06
N HIS A 5 -5.20 -37.68 12.99
CA HIS A 5 -4.19 -38.72 12.96
C HIS A 5 -2.88 -38.24 13.56
N HIS A 6 -2.63 -36.93 13.46
CA HIS A 6 -1.41 -36.34 13.99
C HIS A 6 -1.58 -34.83 14.18
N HIS A 7 -1.53 -34.39 15.43
CA HIS A 7 -1.68 -32.97 15.74
C HIS A 7 -0.32 -32.31 15.97
N HIS A 8 -0.04 -31.26 15.20
CA HIS A 8 1.23 -30.54 15.33
C HIS A 8 1.06 -29.08 14.91
N HIS A 9 1.71 -28.17 15.63
CA HIS A 9 1.62 -26.76 15.31
C HIS A 9 2.59 -25.92 16.14
N HIS A 10 3.72 -25.58 15.54
CA HIS A 10 4.74 -24.77 16.23
C HIS A 10 4.40 -23.29 16.14
N GLY A 11 4.44 -22.61 17.28
CA GLY A 11 4.14 -21.18 17.30
C GLY A 11 5.31 -20.34 16.86
N SER A 12 5.23 -19.82 15.62
CA SER A 12 6.31 -18.99 15.08
C SER A 12 5.94 -17.51 15.08
N GLU A 13 4.85 -17.16 15.78
CA GLU A 13 4.42 -15.77 15.86
C GLU A 13 4.69 -15.19 17.24
N PRO A 14 5.38 -14.03 17.31
CA PRO A 14 5.69 -13.37 18.58
C PRO A 14 4.46 -12.72 19.22
N THR A 15 4.65 -12.12 20.39
CA THR A 15 3.56 -11.47 21.10
C THR A 15 3.58 -9.96 20.88
N THR A 16 4.53 -9.48 20.07
CA THR A 16 4.64 -8.05 19.80
C THR A 16 4.16 -7.72 18.39
N PRO A 17 2.97 -7.09 18.26
CA PRO A 17 2.41 -6.73 16.96
C PRO A 17 3.12 -5.54 16.34
N THR A 18 3.67 -5.73 15.15
CA THR A 18 4.37 -4.66 14.44
C THR A 18 4.39 -4.95 12.94
N THR A 19 3.21 -5.19 12.38
CA THR A 19 3.08 -5.47 10.95
C THR A 19 1.70 -5.05 10.45
N ASN A 20 1.07 -4.12 11.16
CA ASN A 20 -0.25 -3.62 10.78
C ASN A 20 -0.16 -2.69 9.58
N LEU A 21 -0.95 -2.98 8.56
CA LEU A 21 -0.96 -2.18 7.34
C LEU A 21 -1.51 -0.78 7.60
N LYS A 22 -0.64 0.11 8.06
CA LYS A 22 -1.03 1.49 8.33
C LYS A 22 -1.65 2.14 7.10
N ILE A 23 -2.23 3.31 7.30
CA ILE A 23 -2.92 4.05 6.25
C ILE A 23 -2.02 4.69 5.20
N TYR A 24 -2.62 4.84 4.01
CA TYR A 24 -2.01 5.48 2.85
C TYR A 24 -2.73 6.81 2.68
N LYS A 25 -2.24 7.68 1.81
CA LYS A 25 -2.93 8.94 1.58
C LYS A 25 -3.40 9.03 0.14
N VAL A 26 -4.70 8.95 -0.08
CA VAL A 26 -5.21 9.04 -1.43
C VAL A 26 -5.26 10.48 -1.86
N ASP A 27 -4.10 10.94 -2.27
CA ASP A 27 -3.90 12.32 -2.70
C ASP A 27 -4.35 12.53 -4.14
N ASP A 28 -4.32 11.49 -4.93
CA ASP A 28 -4.72 11.60 -6.32
C ASP A 28 -4.71 10.26 -7.05
N LEU A 29 -5.89 9.85 -7.53
CA LEU A 29 -5.99 8.62 -8.28
C LEU A 29 -6.79 8.85 -9.55
N GLN A 30 -6.30 8.25 -10.62
CA GLN A 30 -6.90 8.40 -11.95
C GLN A 30 -7.17 7.10 -12.64
N LYS A 31 -8.05 7.15 -13.64
CA LYS A 31 -8.28 5.97 -14.43
C LYS A 31 -6.99 5.83 -15.24
N ILE A 32 -6.14 4.91 -14.81
CA ILE A 32 -4.81 4.80 -15.37
C ILE A 32 -4.53 3.44 -16.00
N ASN A 33 -4.22 3.45 -17.30
CA ASN A 33 -3.95 2.25 -18.07
C ASN A 33 -5.04 1.21 -17.86
N GLY A 34 -6.29 1.67 -17.97
CA GLY A 34 -7.43 0.79 -17.80
C GLY A 34 -7.66 0.36 -16.36
N ILE A 35 -6.85 0.90 -15.45
CA ILE A 35 -6.97 0.58 -14.03
C ILE A 35 -6.81 1.83 -13.18
N TRP A 36 -7.67 1.98 -12.18
CA TRP A 36 -7.59 3.14 -11.30
C TRP A 36 -6.22 3.15 -10.62
N GLN A 37 -5.54 4.30 -10.63
CA GLN A 37 -4.23 4.40 -10.00
C GLN A 37 -4.24 5.36 -8.86
N VAL A 38 -3.45 5.07 -7.85
CA VAL A 38 -3.40 5.90 -6.66
C VAL A 38 -2.08 6.64 -6.45
N ARG A 39 -2.20 7.80 -5.79
CA ARG A 39 -1.05 8.64 -5.46
C ARG A 39 -1.23 9.34 -4.11
N ASN A 40 -0.16 9.46 -3.33
CA ASN A 40 -0.21 10.19 -2.08
C ASN A 40 0.95 11.13 -2.04
N ASN A 41 0.73 12.20 -1.36
CA ASN A 41 1.74 13.22 -1.21
C ASN A 41 3.01 12.69 -0.53
N ILE A 42 2.92 11.53 0.14
CA ILE A 42 4.06 10.97 0.82
C ILE A 42 4.92 10.19 -0.14
N LEU A 43 4.28 9.31 -0.89
CA LEU A 43 4.95 8.51 -1.87
C LEU A 43 4.76 9.09 -3.25
N VAL A 44 3.83 10.05 -3.37
CA VAL A 44 3.56 10.63 -4.66
C VAL A 44 3.12 12.06 -4.56
N PRO A 45 4.05 12.94 -4.23
CA PRO A 45 3.78 14.36 -4.13
C PRO A 45 3.07 14.82 -5.38
N THR A 46 3.43 14.14 -6.47
CA THR A 46 2.86 14.40 -7.78
C THR A 46 3.64 13.65 -8.87
N ASP A 47 2.99 13.39 -9.99
CA ASP A 47 3.63 12.72 -11.14
C ASP A 47 3.94 11.24 -10.93
N PHE A 48 2.92 10.45 -10.61
CA PHE A 48 3.10 9.04 -10.46
C PHE A 48 3.02 8.41 -11.82
N THR A 49 4.12 7.87 -12.30
CA THR A 49 4.14 7.26 -13.61
C THR A 49 2.94 6.35 -13.78
N TRP A 50 1.88 6.93 -14.32
CA TRP A 50 0.65 6.21 -14.56
C TRP A 50 0.92 4.87 -15.23
N VAL A 51 2.02 4.83 -15.98
CA VAL A 51 2.43 3.64 -16.72
C VAL A 51 2.53 2.44 -15.83
N ASP A 52 3.34 2.59 -14.82
CA ASP A 52 3.59 1.51 -13.90
C ASP A 52 3.89 1.97 -12.50
N ASN A 53 4.18 3.24 -12.34
CA ASN A 53 4.51 3.75 -11.02
C ASN A 53 3.27 4.15 -10.30
N GLY A 54 2.20 4.23 -11.03
CA GLY A 54 0.97 4.50 -10.46
C GLY A 54 0.43 3.25 -9.85
N ILE A 55 -0.18 3.40 -8.70
CA ILE A 55 -0.72 2.24 -8.02
C ILE A 55 -2.08 1.88 -8.55
N ALA A 56 -2.23 0.68 -9.10
CA ALA A 56 -3.52 0.26 -9.57
C ALA A 56 -4.41 0.05 -8.38
N ALA A 57 -5.05 1.12 -7.96
CA ALA A 57 -5.89 1.11 -6.79
C ALA A 57 -6.67 -0.19 -6.59
N ASP A 58 -7.08 -0.82 -7.68
CA ASP A 58 -7.81 -2.07 -7.59
C ASP A 58 -7.03 -3.08 -6.77
N ASP A 59 -5.72 -3.04 -6.93
CA ASP A 59 -4.82 -3.92 -6.22
C ASP A 59 -4.82 -3.64 -4.73
N VAL A 60 -5.12 -2.41 -4.32
CA VAL A 60 -5.11 -2.06 -2.93
C VAL A 60 -6.50 -2.06 -2.32
N ILE A 61 -6.57 -1.63 -1.08
CA ILE A 61 -7.79 -1.62 -0.35
C ILE A 61 -7.90 -0.43 0.58
N GLU A 62 -8.82 0.45 0.27
CA GLU A 62 -9.03 1.67 1.05
C GLU A 62 -9.48 1.37 2.47
N VAL A 63 -8.77 1.96 3.42
CA VAL A 63 -9.09 1.81 4.83
C VAL A 63 -9.65 3.11 5.37
N THR A 64 -10.33 3.05 6.52
CA THR A 64 -10.88 4.26 7.13
C THR A 64 -9.80 4.92 7.98
N SER A 65 -9.96 6.22 8.25
CA SER A 65 -8.99 7.00 9.02
C SER A 65 -8.37 6.21 10.18
N ASN A 66 -9.13 5.32 10.79
CA ASN A 66 -8.61 4.52 11.87
C ASN A 66 -7.75 3.36 11.37
N GLY A 67 -7.78 3.18 10.05
CA GLY A 67 -7.02 2.13 9.41
C GLY A 67 -7.87 0.89 9.21
N THR A 68 -9.19 1.10 9.18
CA THR A 68 -10.11 0.00 9.00
C THR A 68 -10.11 -0.51 7.56
N ARG A 69 -9.70 -1.75 7.39
CA ARG A 69 -9.65 -2.36 6.06
C ARG A 69 -11.05 -2.68 5.56
N THR A 70 -11.28 -2.42 4.28
CA THR A 70 -12.57 -2.67 3.66
C THR A 70 -12.46 -2.70 2.14
N SER A 71 -12.42 -3.90 1.57
CA SER A 71 -12.30 -4.07 0.14
C SER A 71 -13.68 -4.11 -0.52
N ASP A 72 -14.69 -4.53 0.24
CA ASP A 72 -16.05 -4.63 -0.28
C ASP A 72 -16.49 -3.34 -0.97
N GLN A 73 -15.94 -2.21 -0.51
CA GLN A 73 -16.28 -0.90 -1.09
C GLN A 73 -15.46 -0.61 -2.35
N VAL A 74 -15.70 0.56 -2.93
CA VAL A 74 -15.00 0.98 -4.14
C VAL A 74 -14.01 2.11 -3.84
N LEU A 75 -12.75 1.89 -4.19
CA LEU A 75 -11.70 2.87 -3.94
C LEU A 75 -12.01 4.23 -4.56
N GLN A 76 -11.56 5.26 -3.90
CA GLN A 76 -11.73 6.64 -4.34
C GLN A 76 -10.66 7.53 -3.71
N LYS A 77 -10.04 8.36 -4.52
CA LYS A 77 -8.99 9.26 -4.04
C LYS A 77 -9.53 10.43 -3.25
N GLY A 78 -8.70 10.92 -2.34
CA GLY A 78 -9.08 12.03 -1.52
C GLY A 78 -9.11 11.66 -0.07
N GLY A 79 -8.47 10.55 0.28
CA GLY A 79 -8.47 10.14 1.66
C GLY A 79 -7.27 9.32 2.08
N TYR A 80 -7.50 8.04 2.28
CA TYR A 80 -6.48 7.12 2.70
C TYR A 80 -6.82 5.72 2.20
N PHE A 81 -5.82 4.86 2.14
CA PHE A 81 -6.05 3.49 1.72
C PHE A 81 -5.00 2.59 2.28
N VAL A 82 -5.20 1.33 2.07
CA VAL A 82 -4.27 0.36 2.55
C VAL A 82 -4.05 -0.67 1.47
N ILE A 83 -2.81 -0.87 1.10
CA ILE A 83 -2.49 -1.81 0.06
C ILE A 83 -2.66 -3.23 0.53
N ASN A 84 -3.63 -3.92 -0.04
CA ASN A 84 -3.85 -5.30 0.32
C ASN A 84 -2.56 -6.08 0.13
N PRO A 85 -1.96 -6.59 1.22
CA PRO A 85 -0.72 -7.39 1.15
C PRO A 85 -0.98 -8.66 0.40
N ASN A 86 -2.22 -9.05 0.45
CA ASN A 86 -2.66 -10.25 -0.21
C ASN A 86 -2.69 -10.02 -1.72
N ASN A 87 -2.91 -8.77 -2.10
CA ASN A 87 -2.87 -8.40 -3.50
C ASN A 87 -1.44 -8.19 -3.87
N VAL A 88 -0.59 -8.35 -2.87
CA VAL A 88 0.79 -8.15 -2.99
C VAL A 88 1.54 -9.44 -3.09
N LYS A 89 2.36 -9.44 -4.08
CA LYS A 89 3.24 -10.54 -4.36
C LYS A 89 4.55 -10.26 -3.71
N SER A 90 4.93 -8.99 -3.76
CA SER A 90 6.20 -8.58 -3.17
C SER A 90 6.50 -7.10 -3.37
N VAL A 91 7.58 -6.65 -2.73
CA VAL A 91 8.06 -5.29 -2.84
C VAL A 91 9.38 -5.35 -3.61
N GLY A 92 9.44 -4.64 -4.73
CA GLY A 92 10.58 -4.67 -5.59
C GLY A 92 11.59 -3.58 -5.34
N THR A 93 12.62 -3.65 -6.13
CA THR A 93 13.74 -2.72 -6.10
C THR A 93 13.30 -1.32 -6.48
N PRO A 94 13.86 -0.38 -5.74
CA PRO A 94 13.59 1.04 -5.89
C PRO A 94 14.38 1.71 -7.02
N MET A 95 13.84 2.82 -7.48
CA MET A 95 14.45 3.60 -8.55
C MET A 95 14.12 5.08 -8.38
N LYS A 96 15.10 5.95 -8.57
CA LYS A 96 14.87 7.38 -8.45
C LYS A 96 14.31 7.96 -9.75
N GLY A 97 13.15 8.62 -9.68
CA GLY A 97 12.57 9.17 -10.89
C GLY A 97 11.37 10.07 -10.63
N SER A 98 10.32 9.51 -10.03
CA SER A 98 9.10 10.26 -9.76
C SER A 98 9.40 11.47 -8.86
N GLY A 99 10.04 12.49 -9.41
CA GLY A 99 10.37 13.68 -8.64
C GLY A 99 11.84 13.76 -8.25
N GLY A 100 12.37 12.68 -7.68
CA GLY A 100 13.76 12.68 -7.27
C GLY A 100 14.06 11.67 -6.17
N LEU A 101 13.00 11.19 -5.53
CA LEU A 101 13.10 10.23 -4.46
C LEU A 101 13.37 8.84 -4.97
N SER A 102 12.93 7.88 -4.17
CA SER A 102 13.05 6.49 -4.47
C SER A 102 11.67 5.87 -4.61
N TRP A 103 11.40 5.35 -5.79
CA TRP A 103 10.15 4.73 -6.11
C TRP A 103 10.42 3.30 -6.52
N ALA A 104 9.84 2.39 -5.78
CA ALA A 104 10.08 0.97 -6.00
C ALA A 104 8.95 0.21 -6.63
N GLN A 105 9.35 -0.77 -7.41
CA GLN A 105 8.45 -1.62 -8.12
C GLN A 105 7.87 -2.70 -7.22
N VAL A 106 6.63 -2.55 -6.80
CA VAL A 106 6.03 -3.54 -5.96
C VAL A 106 5.17 -4.47 -6.81
N ASN A 107 5.27 -5.75 -6.54
CA ASN A 107 4.58 -6.75 -7.29
C ASN A 107 3.18 -6.97 -6.75
N PHE A 108 2.21 -6.42 -7.43
CA PHE A 108 0.85 -6.55 -7.07
C PHE A 108 0.18 -7.56 -7.97
N THR A 109 -0.89 -8.09 -7.45
CA THR A 109 -1.72 -9.08 -8.11
C THR A 109 -2.29 -8.62 -9.46
N THR A 110 -3.12 -7.59 -9.40
CA THR A 110 -3.79 -7.05 -10.57
C THR A 110 -2.90 -6.07 -11.27
N GLY A 111 -2.27 -5.26 -10.47
CA GLY A 111 -1.38 -4.27 -10.99
C GLY A 111 -0.04 -4.86 -11.37
N GLY A 112 0.13 -6.17 -11.16
CA GLY A 112 1.40 -6.80 -11.48
C GLY A 112 2.54 -5.94 -10.96
N ASN A 113 3.03 -5.06 -11.78
CA ASN A 113 4.06 -4.13 -11.35
C ASN A 113 3.36 -2.86 -10.88
N VAL A 114 3.71 -2.37 -9.71
CA VAL A 114 3.12 -1.16 -9.17
C VAL A 114 4.16 -0.43 -8.39
N TRP A 115 4.53 0.74 -8.83
CA TRP A 115 5.56 1.47 -8.15
C TRP A 115 5.03 2.39 -7.10
N LEU A 116 5.90 2.69 -6.16
CA LEU A 116 5.59 3.53 -5.06
C LEU A 116 6.83 4.17 -4.56
N ASN A 117 6.77 5.40 -4.12
CA ASN A 117 7.97 5.99 -3.59
C ASN A 117 8.32 5.23 -2.37
N THR A 118 9.26 4.42 -2.67
CA THR A 118 9.80 3.43 -1.78
C THR A 118 10.73 4.00 -0.74
N THR A 119 10.68 5.30 -0.58
CA THR A 119 11.53 5.93 0.43
C THR A 119 11.16 5.43 1.85
N SER A 120 10.54 4.24 1.92
CA SER A 120 10.15 3.62 3.15
C SER A 120 9.56 2.25 2.81
N LYS A 121 10.09 1.22 3.41
CA LYS A 121 9.61 -0.13 3.13
C LYS A 121 8.26 -0.31 3.81
N ASP A 122 8.17 0.24 5.01
CA ASP A 122 6.94 0.26 5.73
C ASP A 122 5.98 1.15 4.96
N ASN A 123 6.47 1.79 3.90
CA ASN A 123 5.63 2.67 3.12
C ASN A 123 4.50 1.89 2.48
N LEU A 124 4.82 0.92 1.71
CA LEU A 124 3.81 0.10 1.10
C LEU A 124 3.04 -0.63 2.16
N LEU A 125 3.78 -1.38 2.94
CA LEU A 125 3.22 -2.16 4.01
C LEU A 125 2.48 -1.31 5.03
N TYR A 126 3.10 -0.21 5.43
CA TYR A 126 2.50 0.65 6.44
C TYR A 126 2.08 2.00 5.88
N GLY A 127 2.81 2.47 4.89
CA GLY A 127 2.48 3.77 4.34
C GLY A 127 3.40 4.85 4.88
N LYS A 128 4.58 4.42 5.29
CA LYS A 128 5.57 5.32 5.83
C LYS A 128 6.22 6.14 4.73
N MET A 1 -13.56 -11.84 36.07
CA MET A 1 -12.23 -11.41 35.57
C MET A 1 -11.21 -11.30 36.70
N ARG A 2 -11.35 -12.18 37.69
CA ARG A 2 -10.43 -12.17 38.84
C ARG A 2 -9.08 -12.75 38.45
N GLY A 3 -8.01 -12.10 38.90
CA GLY A 3 -6.67 -12.56 38.60
C GLY A 3 -5.69 -11.42 38.42
N SER A 4 -5.28 -11.19 37.18
CA SER A 4 -4.33 -10.13 36.87
C SER A 4 -3.02 -10.32 37.62
N HIS A 5 -2.01 -10.84 36.91
CA HIS A 5 -0.71 -11.09 37.50
C HIS A 5 0.18 -9.85 37.39
N HIS A 6 1.42 -9.98 37.84
CA HIS A 6 2.37 -8.87 37.78
C HIS A 6 3.81 -9.38 37.90
N HIS A 7 4.55 -9.24 36.81
CA HIS A 7 5.94 -9.68 36.78
C HIS A 7 6.82 -8.65 36.08
N HIS A 8 7.73 -8.05 36.84
CA HIS A 8 8.62 -7.03 36.29
C HIS A 8 9.91 -7.67 35.76
N HIS A 9 9.83 -8.22 34.56
CA HIS A 9 10.98 -8.84 33.92
C HIS A 9 11.23 -8.22 32.55
N HIS A 10 10.31 -8.49 31.62
CA HIS A 10 10.41 -7.96 30.26
C HIS A 10 9.91 -6.51 30.17
N GLY A 11 10.15 -5.73 31.22
CA GLY A 11 9.70 -4.34 31.21
C GLY A 11 10.61 -3.41 30.42
N SER A 12 11.61 -3.99 29.75
CA SER A 12 12.54 -3.21 28.95
C SER A 12 12.23 -3.31 27.46
N GLU A 13 11.40 -4.29 27.09
CA GLU A 13 11.03 -4.48 25.69
C GLU A 13 9.88 -5.48 25.56
N PRO A 14 8.63 -4.97 25.48
CA PRO A 14 7.44 -5.82 25.35
C PRO A 14 7.36 -6.48 23.98
N THR A 15 7.18 -7.80 23.96
CA THR A 15 7.08 -8.54 22.71
C THR A 15 5.62 -8.74 22.32
N THR A 16 4.88 -7.63 22.25
CA THR A 16 3.47 -7.68 21.88
C THR A 16 3.28 -7.36 20.40
N PRO A 17 2.36 -8.06 19.72
CA PRO A 17 2.08 -7.83 18.29
C PRO A 17 1.39 -6.50 18.02
N THR A 18 2.09 -5.63 17.30
CA THR A 18 1.54 -4.32 16.96
C THR A 18 1.54 -4.10 15.45
N THR A 19 2.05 -5.08 14.71
CA THR A 19 2.12 -4.98 13.25
C THR A 19 0.74 -4.71 12.65
N ASN A 20 0.71 -3.89 11.60
CA ASN A 20 -0.53 -3.55 10.92
C ASN A 20 -0.27 -2.58 9.77
N LEU A 21 -0.78 -2.92 8.59
CA LEU A 21 -0.60 -2.09 7.42
C LEU A 21 -1.22 -0.72 7.59
N LYS A 22 -0.46 0.19 8.16
CA LYS A 22 -0.91 1.55 8.39
C LYS A 22 -1.52 2.16 7.13
N ILE A 23 -2.16 3.31 7.29
CA ILE A 23 -2.86 3.99 6.22
C ILE A 23 -1.95 4.66 5.18
N TYR A 24 -2.54 4.79 3.98
CA TYR A 24 -1.94 5.44 2.83
C TYR A 24 -2.68 6.75 2.65
N LYS A 25 -2.21 7.63 1.81
CA LYS A 25 -2.94 8.87 1.57
C LYS A 25 -3.41 8.98 0.13
N VAL A 26 -4.70 8.90 -0.09
CA VAL A 26 -5.21 9.00 -1.43
C VAL A 26 -5.28 10.45 -1.84
N ASP A 27 -4.13 10.93 -2.22
CA ASP A 27 -3.93 12.32 -2.64
C ASP A 27 -4.39 12.54 -4.07
N ASP A 28 -4.34 11.48 -4.87
CA ASP A 28 -4.75 11.60 -6.26
C ASP A 28 -4.76 10.26 -6.98
N LEU A 29 -5.93 9.86 -7.46
CA LEU A 29 -6.05 8.62 -8.20
C LEU A 29 -6.87 8.85 -9.47
N GLN A 30 -6.38 8.27 -10.55
CA GLN A 30 -6.99 8.40 -11.88
C GLN A 30 -7.19 7.07 -12.57
N LYS A 31 -8.06 7.06 -13.57
CA LYS A 31 -8.24 5.87 -14.35
C LYS A 31 -6.95 5.77 -15.15
N ILE A 32 -6.06 4.91 -14.71
CA ILE A 32 -4.73 4.84 -15.25
C ILE A 32 -4.34 3.46 -15.78
N ASN A 33 -4.00 3.41 -17.07
CA ASN A 33 -3.62 2.16 -17.71
C ASN A 33 -4.76 1.18 -17.66
N GLY A 34 -5.98 1.69 -17.77
CA GLY A 34 -7.16 0.87 -17.72
C GLY A 34 -7.46 0.39 -16.30
N ILE A 35 -6.68 0.89 -15.34
CA ILE A 35 -6.84 0.53 -13.95
C ILE A 35 -6.76 1.78 -13.08
N TRP A 36 -7.63 1.88 -12.09
CA TRP A 36 -7.60 3.04 -11.21
C TRP A 36 -6.24 3.11 -10.52
N GLN A 37 -5.59 4.28 -10.55
CA GLN A 37 -4.27 4.42 -9.96
C GLN A 37 -4.27 5.40 -8.83
N VAL A 38 -3.46 5.13 -7.83
CA VAL A 38 -3.41 5.97 -6.64
C VAL A 38 -2.09 6.70 -6.44
N ARG A 39 -2.20 7.86 -5.77
CA ARG A 39 -1.06 8.70 -5.43
C ARG A 39 -1.25 9.37 -4.07
N ASN A 40 -0.17 9.52 -3.32
CA ASN A 40 -0.22 10.23 -2.07
C ASN A 40 0.93 11.19 -2.03
N ASN A 41 0.72 12.24 -1.33
CA ASN A 41 1.70 13.27 -1.17
C ASN A 41 3.00 12.77 -0.49
N ILE A 42 2.95 11.60 0.16
CA ILE A 42 4.08 11.06 0.85
C ILE A 42 4.96 10.31 -0.12
N LEU A 43 4.33 9.43 -0.86
CA LEU A 43 5.01 8.64 -1.84
C LEU A 43 4.79 9.20 -3.22
N VAL A 44 3.85 10.13 -3.34
CA VAL A 44 3.55 10.70 -4.65
C VAL A 44 3.11 12.14 -4.54
N PRO A 45 4.05 13.01 -4.20
CA PRO A 45 3.78 14.43 -4.12
C PRO A 45 3.09 14.90 -5.38
N THR A 46 3.46 14.22 -6.46
CA THR A 46 2.91 14.48 -7.78
C THR A 46 3.68 13.72 -8.86
N ASP A 47 3.01 13.46 -9.98
CA ASP A 47 3.63 12.78 -11.13
C ASP A 47 3.91 11.30 -10.93
N PHE A 48 2.90 10.52 -10.58
CA PHE A 48 3.06 9.11 -10.44
C PHE A 48 2.95 8.50 -11.80
N THR A 49 4.04 7.95 -12.29
CA THR A 49 4.04 7.36 -13.62
C THR A 49 2.84 6.46 -13.81
N TRP A 50 1.79 7.04 -14.32
CA TRP A 50 0.54 6.33 -14.59
C TRP A 50 0.83 4.98 -15.24
N VAL A 51 1.93 4.94 -15.98
CA VAL A 51 2.35 3.74 -16.71
C VAL A 51 2.43 2.54 -15.81
N ASP A 52 3.23 2.70 -14.79
CA ASP A 52 3.45 1.63 -13.86
C ASP A 52 3.82 2.10 -12.47
N ASN A 53 4.13 3.37 -12.34
CA ASN A 53 4.51 3.88 -11.04
C ASN A 53 3.30 4.28 -10.26
N GLY A 54 2.21 4.38 -10.96
CA GLY A 54 1.00 4.65 -10.34
C GLY A 54 0.47 3.38 -9.74
N ILE A 55 -0.15 3.49 -8.61
CA ILE A 55 -0.68 2.33 -7.94
C ILE A 55 -2.04 1.94 -8.50
N ALA A 56 -2.16 0.74 -9.04
CA ALA A 56 -3.45 0.31 -9.52
C ALA A 56 -4.34 0.06 -8.32
N ALA A 57 -5.00 1.12 -7.91
CA ALA A 57 -5.85 1.08 -6.75
C ALA A 57 -6.60 -0.24 -6.57
N ASP A 58 -7.00 -0.85 -7.66
CA ASP A 58 -7.71 -2.13 -7.61
C ASP A 58 -6.90 -3.15 -6.82
N ASP A 59 -5.58 -3.04 -6.94
CA ASP A 59 -4.66 -3.91 -6.27
C ASP A 59 -4.67 -3.69 -4.76
N VAL A 60 -4.97 -2.45 -4.33
CA VAL A 60 -4.99 -2.14 -2.94
C VAL A 60 -6.38 -2.12 -2.35
N ILE A 61 -6.46 -1.74 -1.09
CA ILE A 61 -7.70 -1.72 -0.37
C ILE A 61 -7.81 -0.53 0.54
N GLU A 62 -8.74 0.34 0.22
CA GLU A 62 -8.96 1.57 0.99
C GLU A 62 -9.43 1.30 2.41
N VAL A 63 -8.74 1.92 3.35
CA VAL A 63 -9.08 1.79 4.75
C VAL A 63 -9.57 3.15 5.28
N THR A 64 -10.33 3.12 6.37
CA THR A 64 -10.81 4.37 6.95
C THR A 64 -9.75 4.92 7.89
N SER A 65 -9.84 6.22 8.18
CA SER A 65 -8.87 6.91 9.04
C SER A 65 -8.39 6.06 10.21
N ASN A 66 -9.27 5.23 10.75
CA ASN A 66 -8.90 4.38 11.86
C ASN A 66 -8.08 3.18 11.39
N GLY A 67 -8.04 3.02 10.08
CA GLY A 67 -7.32 1.91 9.46
C GLY A 67 -8.23 0.75 9.17
N THR A 68 -9.52 1.04 9.05
CA THR A 68 -10.49 0.01 8.79
C THR A 68 -10.42 -0.47 7.34
N ARG A 69 -10.08 -1.74 7.15
CA ARG A 69 -9.97 -2.30 5.81
C ARG A 69 -11.34 -2.55 5.20
N THR A 70 -11.47 -2.22 3.91
CA THR A 70 -12.73 -2.39 3.18
C THR A 70 -12.45 -2.61 1.68
N SER A 71 -12.33 -3.87 1.29
CA SER A 71 -12.03 -4.22 -0.10
C SER A 71 -13.31 -4.37 -0.92
N ASP A 72 -14.41 -4.76 -0.25
CA ASP A 72 -15.68 -4.95 -0.93
C ASP A 72 -16.10 -3.70 -1.69
N GLN A 73 -15.79 -2.54 -1.14
CA GLN A 73 -16.14 -1.27 -1.76
C GLN A 73 -15.20 -0.93 -2.93
N VAL A 74 -15.40 0.24 -3.52
CA VAL A 74 -14.58 0.69 -4.64
C VAL A 74 -13.68 1.85 -4.21
N LEU A 75 -12.39 1.74 -4.52
CA LEU A 75 -11.41 2.77 -4.14
C LEU A 75 -11.74 4.13 -4.75
N GLN A 76 -11.35 5.17 -4.04
CA GLN A 76 -11.57 6.54 -4.47
C GLN A 76 -10.56 7.47 -3.80
N LYS A 77 -9.95 8.34 -4.59
CA LYS A 77 -8.95 9.27 -4.07
C LYS A 77 -9.54 10.41 -3.26
N GLY A 78 -8.74 10.89 -2.32
CA GLY A 78 -9.17 11.97 -1.48
C GLY A 78 -9.18 11.56 -0.04
N GLY A 79 -8.50 10.46 0.28
CA GLY A 79 -8.51 10.02 1.66
C GLY A 79 -7.28 9.23 2.07
N TYR A 80 -7.49 7.95 2.27
CA TYR A 80 -6.45 7.04 2.68
C TYR A 80 -6.77 5.65 2.18
N PHE A 81 -5.76 4.80 2.11
CA PHE A 81 -5.99 3.43 1.69
C PHE A 81 -4.95 2.51 2.27
N VAL A 82 -5.15 1.25 2.06
CA VAL A 82 -4.22 0.29 2.56
C VAL A 82 -3.97 -0.73 1.48
N ILE A 83 -2.72 -0.92 1.14
CA ILE A 83 -2.38 -1.86 0.10
C ILE A 83 -2.52 -3.27 0.58
N ASN A 84 -3.46 -3.98 0.00
CA ASN A 84 -3.66 -5.35 0.38
C ASN A 84 -2.36 -6.12 0.19
N PRO A 85 -1.76 -6.62 1.28
CA PRO A 85 -0.51 -7.39 1.23
C PRO A 85 -0.74 -8.74 0.61
N ASN A 86 -1.96 -9.18 0.77
CA ASN A 86 -2.36 -10.46 0.24
C ASN A 86 -2.52 -10.37 -1.26
N ASN A 87 -2.88 -9.19 -1.73
CA ASN A 87 -2.99 -8.94 -3.14
C ASN A 87 -1.61 -8.63 -3.66
N VAL A 88 -0.67 -8.61 -2.73
CA VAL A 88 0.66 -8.31 -2.99
C VAL A 88 1.49 -9.54 -3.17
N LYS A 89 2.20 -9.51 -4.24
CA LYS A 89 3.08 -10.57 -4.60
C LYS A 89 4.40 -10.34 -3.90
N SER A 90 4.80 -9.07 -3.90
CA SER A 90 6.06 -8.69 -3.25
C SER A 90 6.39 -7.21 -3.44
N VAL A 91 7.44 -6.76 -2.76
CA VAL A 91 7.94 -5.41 -2.88
C VAL A 91 9.24 -5.47 -3.67
N GLY A 92 9.31 -4.74 -4.76
CA GLY A 92 10.44 -4.77 -5.64
C GLY A 92 11.44 -3.67 -5.42
N THR A 93 12.47 -3.75 -6.23
CA THR A 93 13.58 -2.83 -6.23
C THR A 93 13.14 -1.43 -6.57
N PRO A 94 13.71 -0.49 -5.83
CA PRO A 94 13.44 0.93 -5.95
C PRO A 94 14.21 1.60 -7.08
N MET A 95 13.67 2.70 -7.53
CA MET A 95 14.26 3.48 -8.60
C MET A 95 13.94 4.96 -8.45
N LYS A 96 14.94 5.82 -8.61
CA LYS A 96 14.71 7.26 -8.49
C LYS A 96 14.22 7.84 -9.81
N GLY A 97 13.07 8.50 -9.78
CA GLY A 97 12.53 9.07 -11.01
C GLY A 97 11.33 9.96 -10.79
N SER A 98 10.33 9.46 -10.08
CA SER A 98 9.12 10.23 -9.81
C SER A 98 9.43 11.45 -8.94
N GLY A 99 10.16 12.41 -9.51
CA GLY A 99 10.51 13.62 -8.77
C GLY A 99 11.98 13.67 -8.39
N GLY A 100 12.49 12.60 -7.80
CA GLY A 100 13.89 12.56 -7.41
C GLY A 100 14.16 11.55 -6.30
N LEU A 101 13.10 11.11 -5.64
CA LEU A 101 13.18 10.16 -4.56
C LEU A 101 13.41 8.76 -5.07
N SER A 102 12.96 7.83 -4.25
CA SER A 102 13.04 6.43 -4.54
C SER A 102 11.65 5.85 -4.65
N TRP A 103 11.35 5.31 -5.81
CA TRP A 103 10.08 4.73 -6.13
C TRP A 103 10.31 3.28 -6.51
N ALA A 104 9.74 2.39 -5.73
CA ALA A 104 9.95 0.96 -5.92
C ALA A 104 8.82 0.24 -6.58
N GLN A 105 9.22 -0.75 -7.36
CA GLN A 105 8.34 -1.60 -8.08
C GLN A 105 7.76 -2.67 -7.20
N VAL A 106 6.52 -2.53 -6.75
CA VAL A 106 5.93 -3.53 -5.92
C VAL A 106 5.02 -4.39 -6.77
N ASN A 107 5.11 -5.68 -6.54
CA ASN A 107 4.37 -6.66 -7.30
C ASN A 107 3.00 -6.90 -6.71
N PHE A 108 1.99 -6.30 -7.31
CA PHE A 108 0.65 -6.44 -6.88
C PHE A 108 -0.13 -7.42 -7.74
N THR A 109 -1.26 -7.75 -7.19
CA THR A 109 -2.23 -8.69 -7.75
C THR A 109 -2.68 -8.43 -9.20
N THR A 110 -3.36 -7.33 -9.41
CA THR A 110 -3.91 -6.97 -10.72
C THR A 110 -2.92 -6.21 -11.58
N GLY A 111 -2.41 -5.12 -11.05
CA GLY A 111 -1.48 -4.31 -11.78
C GLY A 111 -0.13 -4.96 -11.94
N GLY A 112 0.09 -6.10 -11.27
CA GLY A 112 1.36 -6.75 -11.35
C GLY A 112 2.43 -5.83 -10.84
N ASN A 113 2.99 -5.02 -11.69
CA ASN A 113 3.97 -4.05 -11.25
C ASN A 113 3.24 -2.79 -10.80
N VAL A 114 3.57 -2.31 -9.62
CA VAL A 114 2.97 -1.10 -9.08
C VAL A 114 4.01 -0.38 -8.30
N TRP A 115 4.39 0.79 -8.75
CA TRP A 115 5.44 1.52 -8.06
C TRP A 115 4.91 2.43 -7.00
N LEU A 116 5.80 2.71 -6.06
CA LEU A 116 5.50 3.58 -4.97
C LEU A 116 6.77 4.20 -4.48
N ASN A 117 6.73 5.45 -4.07
CA ASN A 117 7.95 6.04 -3.58
C ASN A 117 8.33 5.30 -2.34
N THR A 118 9.23 4.46 -2.64
CA THR A 118 9.79 3.48 -1.75
C THR A 118 10.77 4.06 -0.76
N THR A 119 10.74 5.37 -0.60
CA THR A 119 11.63 5.99 0.36
C THR A 119 11.29 5.51 1.80
N SER A 120 10.66 4.32 1.90
CA SER A 120 10.30 3.71 3.15
C SER A 120 9.69 2.35 2.83
N LYS A 121 10.25 1.29 3.37
CA LYS A 121 9.74 -0.04 3.10
C LYS A 121 8.42 -0.19 3.82
N ASP A 122 8.39 0.33 5.03
CA ASP A 122 7.16 0.37 5.78
C ASP A 122 6.19 1.28 5.06
N ASN A 123 6.65 1.93 3.98
CA ASN A 123 5.81 2.84 3.24
C ASN A 123 4.64 2.09 2.63
N LEU A 124 4.93 1.13 1.84
CA LEU A 124 3.88 0.34 1.23
C LEU A 124 3.13 -0.40 2.31
N LEU A 125 3.89 -1.17 3.06
CA LEU A 125 3.35 -1.95 4.13
C LEU A 125 2.64 -1.11 5.16
N TYR A 126 3.27 -0.01 5.56
CA TYR A 126 2.71 0.85 6.59
C TYR A 126 2.32 2.21 6.07
N GLY A 127 3.06 2.71 5.09
CA GLY A 127 2.76 4.04 4.57
C GLY A 127 3.72 5.06 5.11
N LYS A 128 4.91 4.59 5.47
CA LYS A 128 5.94 5.46 6.00
C LYS A 128 6.58 6.28 4.89
N MET A 1 0.29 -6.32 42.49
CA MET A 1 1.51 -7.15 42.71
C MET A 1 1.21 -8.64 42.50
N ARG A 2 0.41 -8.93 41.47
CA ARG A 2 0.05 -10.30 41.16
C ARG A 2 1.26 -11.08 40.67
N GLY A 3 1.46 -12.28 41.21
CA GLY A 3 2.58 -13.11 40.80
C GLY A 3 3.37 -13.64 41.99
N SER A 4 3.54 -14.96 42.02
CA SER A 4 4.28 -15.60 43.09
C SER A 4 5.40 -16.50 42.54
N HIS A 5 5.16 -17.04 41.36
CA HIS A 5 6.14 -17.91 40.71
C HIS A 5 5.73 -18.22 39.26
N HIS A 6 4.42 -18.34 39.04
CA HIS A 6 3.90 -18.63 37.71
C HIS A 6 3.54 -17.35 36.97
N HIS A 7 4.39 -16.94 36.04
CA HIS A 7 4.15 -15.73 35.26
C HIS A 7 3.64 -16.08 33.86
N HIS A 8 2.44 -15.60 33.54
CA HIS A 8 1.84 -15.88 32.24
C HIS A 8 0.89 -14.75 31.83
N HIS A 9 1.46 -13.64 31.36
CA HIS A 9 0.66 -12.51 30.93
C HIS A 9 0.97 -12.15 29.47
N HIS A 10 1.56 -13.10 28.75
CA HIS A 10 1.91 -12.90 27.34
C HIS A 10 0.66 -12.70 26.47
N GLY A 11 0.04 -13.80 26.09
CA GLY A 11 -1.15 -13.72 25.25
C GLY A 11 -0.87 -14.14 23.82
N SER A 12 -1.69 -15.04 23.29
CA SER A 12 -1.54 -15.51 21.92
C SER A 12 -2.63 -14.94 21.02
N GLU A 13 -3.79 -14.67 21.61
CA GLU A 13 -4.92 -14.12 20.87
C GLU A 13 -5.19 -12.68 21.28
N PRO A 14 -5.54 -12.45 22.56
CA PRO A 14 -5.83 -11.10 23.06
C PRO A 14 -4.57 -10.29 23.31
N THR A 15 -4.17 -9.51 22.31
CA THR A 15 -2.98 -8.67 22.40
C THR A 15 -2.86 -7.76 21.19
N THR A 16 -1.88 -6.88 21.20
CA THR A 16 -1.66 -5.94 20.10
C THR A 16 -0.37 -6.27 19.35
N PRO A 17 -0.46 -6.55 18.04
CA PRO A 17 0.71 -6.88 17.22
C PRO A 17 1.54 -5.66 16.87
N THR A 18 2.60 -5.87 16.09
CA THR A 18 3.48 -4.79 15.68
C THR A 18 3.78 -4.88 14.18
N THR A 19 2.73 -4.95 13.37
CA THR A 19 2.89 -5.04 11.92
C THR A 19 1.57 -4.76 11.22
N ASN A 20 0.84 -3.76 11.70
CA ASN A 20 -0.45 -3.39 11.11
C ASN A 20 -0.24 -2.48 9.90
N LEU A 21 -0.84 -2.86 8.78
CA LEU A 21 -0.72 -2.08 7.55
C LEU A 21 -1.33 -0.70 7.71
N LYS A 22 -0.54 0.23 8.21
CA LYS A 22 -0.98 1.60 8.41
C LYS A 22 -1.60 2.19 7.15
N ILE A 23 -2.24 3.34 7.32
CA ILE A 23 -2.95 4.03 6.24
C ILE A 23 -2.04 4.71 5.20
N TYR A 24 -2.63 4.84 4.00
CA TYR A 24 -2.03 5.49 2.86
C TYR A 24 -2.77 6.82 2.68
N LYS A 25 -2.28 7.69 1.84
CA LYS A 25 -3.00 8.95 1.62
C LYS A 25 -3.47 9.05 0.17
N VAL A 26 -4.75 8.94 -0.06
CA VAL A 26 -5.26 9.04 -1.41
C VAL A 26 -5.31 10.48 -1.83
N ASP A 27 -4.16 10.94 -2.23
CA ASP A 27 -3.94 12.32 -2.66
C ASP A 27 -4.38 12.55 -4.09
N ASP A 28 -4.37 11.49 -4.90
CA ASP A 28 -4.78 11.60 -6.29
C ASP A 28 -4.80 10.26 -7.01
N LEU A 29 -5.97 9.84 -7.45
CA LEU A 29 -6.11 8.60 -8.18
C LEU A 29 -6.90 8.84 -9.46
N GLN A 30 -6.39 8.27 -10.54
CA GLN A 30 -6.97 8.41 -11.87
C GLN A 30 -7.14 7.09 -12.58
N LYS A 31 -8.00 7.07 -13.59
CA LYS A 31 -8.12 5.87 -14.37
C LYS A 31 -6.83 5.82 -15.16
N ILE A 32 -5.93 4.96 -14.71
CA ILE A 32 -4.58 4.91 -15.22
C ILE A 32 -4.18 3.54 -15.74
N ASN A 33 -3.78 3.49 -17.01
CA ASN A 33 -3.37 2.25 -17.65
C ASN A 33 -4.53 1.26 -17.65
N GLY A 34 -5.74 1.79 -17.81
CA GLY A 34 -6.91 0.96 -17.83
C GLY A 34 -7.29 0.48 -16.44
N ILE A 35 -6.55 0.95 -15.44
CA ILE A 35 -6.78 0.57 -14.06
C ILE A 35 -6.71 1.80 -13.16
N TRP A 36 -7.59 1.90 -12.18
CA TRP A 36 -7.57 3.04 -11.28
C TRP A 36 -6.21 3.11 -10.59
N GLN A 37 -5.57 4.28 -10.60
CA GLN A 37 -4.26 4.41 -9.98
C GLN A 37 -4.29 5.38 -8.83
N VAL A 38 -3.45 5.12 -7.83
CA VAL A 38 -3.42 5.94 -6.65
C VAL A 38 -2.12 6.69 -6.44
N ARG A 39 -2.25 7.86 -5.77
CA ARG A 39 -1.11 8.71 -5.45
C ARG A 39 -1.29 9.40 -4.09
N ASN A 40 -0.22 9.50 -3.31
CA ASN A 40 -0.27 10.22 -2.05
C ASN A 40 0.90 11.15 -2.00
N ASN A 41 0.69 12.18 -1.25
CA ASN A 41 1.69 13.20 -1.06
C ASN A 41 2.97 12.66 -0.38
N ILE A 42 2.90 11.47 0.23
CA ILE A 42 4.02 10.89 0.90
C ILE A 42 4.91 10.17 -0.07
N LEU A 43 4.28 9.31 -0.86
CA LEU A 43 4.97 8.55 -1.86
C LEU A 43 4.77 9.16 -3.23
N VAL A 44 3.85 10.11 -3.32
CA VAL A 44 3.57 10.71 -4.61
C VAL A 44 3.18 12.16 -4.48
N PRO A 45 4.16 12.99 -4.14
CA PRO A 45 3.95 14.42 -4.03
C PRO A 45 3.22 14.92 -5.25
N THR A 46 3.53 14.26 -6.35
CA THR A 46 2.93 14.54 -7.65
C THR A 46 3.68 13.80 -8.76
N ASP A 47 2.98 13.53 -9.87
CA ASP A 47 3.58 12.87 -11.03
C ASP A 47 3.88 11.38 -10.84
N PHE A 48 2.89 10.59 -10.49
CA PHE A 48 3.07 9.18 -10.36
C PHE A 48 2.97 8.60 -11.73
N THR A 49 4.07 8.09 -12.24
CA THR A 49 4.09 7.54 -13.58
C THR A 49 2.89 6.62 -13.78
N TRP A 50 1.83 7.20 -14.28
CA TRP A 50 0.60 6.48 -14.56
C TRP A 50 0.90 5.16 -15.26
N VAL A 51 2.01 5.15 -15.98
CA VAL A 51 2.44 3.98 -16.74
C VAL A 51 2.50 2.76 -15.88
N ASP A 52 3.29 2.89 -14.84
CA ASP A 52 3.50 1.79 -13.93
C ASP A 52 3.86 2.25 -12.53
N ASN A 53 4.15 3.52 -12.38
CA ASN A 53 4.53 4.03 -11.07
C ASN A 53 3.32 4.42 -10.29
N GLY A 54 2.22 4.47 -10.98
CA GLY A 54 1.00 4.73 -10.36
C GLY A 54 0.48 3.44 -9.80
N ILE A 55 -0.14 3.53 -8.67
CA ILE A 55 -0.67 2.34 -8.02
C ILE A 55 -2.02 1.94 -8.58
N ALA A 56 -2.13 0.74 -9.14
CA ALA A 56 -3.40 0.29 -9.62
C ALA A 56 -4.28 0.02 -8.42
N ALA A 57 -4.95 1.08 -7.98
CA ALA A 57 -5.79 1.04 -6.81
C ALA A 57 -6.50 -0.30 -6.61
N ASP A 58 -6.89 -0.95 -7.70
CA ASP A 58 -7.58 -2.22 -7.61
C ASP A 58 -6.78 -3.21 -6.77
N ASP A 59 -5.47 -3.13 -6.90
CA ASP A 59 -4.56 -3.99 -6.18
C ASP A 59 -4.59 -3.71 -4.68
N VAL A 60 -4.92 -2.48 -4.29
CA VAL A 60 -4.94 -2.12 -2.90
C VAL A 60 -6.33 -2.15 -2.31
N ILE A 61 -6.43 -1.69 -1.08
CA ILE A 61 -7.67 -1.71 -0.38
C ILE A 61 -7.83 -0.50 0.54
N GLU A 62 -8.78 0.34 0.19
CA GLU A 62 -9.04 1.56 0.93
C GLU A 62 -9.48 1.31 2.36
N VAL A 63 -8.74 1.89 3.29
CA VAL A 63 -9.06 1.77 4.70
C VAL A 63 -9.60 3.10 5.22
N THR A 64 -10.37 3.06 6.29
CA THR A 64 -10.91 4.28 6.88
C THR A 64 -9.88 4.88 7.82
N SER A 65 -10.02 6.18 8.11
CA SER A 65 -9.10 6.91 8.98
C SER A 65 -8.61 6.07 10.16
N ASN A 66 -9.47 5.20 10.68
CA ASN A 66 -9.10 4.35 11.80
C ASN A 66 -8.26 3.16 11.33
N GLY A 67 -8.15 3.04 10.02
CA GLY A 67 -7.41 1.94 9.43
C GLY A 67 -8.29 0.77 9.11
N THR A 68 -9.59 1.04 8.95
CA THR A 68 -10.55 0.00 8.66
C THR A 68 -10.37 -0.50 7.23
N ARG A 69 -10.01 -1.77 7.09
CA ARG A 69 -9.80 -2.37 5.78
C ARG A 69 -11.12 -2.63 5.04
N THR A 70 -11.09 -2.41 3.73
CA THR A 70 -12.25 -2.63 2.87
C THR A 70 -13.53 -2.09 3.51
N SER A 71 -13.69 -0.77 3.50
CA SER A 71 -14.88 -0.14 4.06
C SER A 71 -15.92 0.07 2.97
N ASP A 72 -15.49 0.65 1.85
CA ASP A 72 -16.37 0.93 0.73
C ASP A 72 -16.22 -0.14 -0.36
N GLN A 73 -15.05 -0.78 -0.39
CA GLN A 73 -14.75 -1.81 -1.38
C GLN A 73 -14.32 -1.20 -2.71
N VAL A 74 -14.78 0.01 -2.96
CA VAL A 74 -14.45 0.74 -4.18
C VAL A 74 -13.52 1.90 -3.86
N LEU A 75 -12.29 1.84 -4.38
CA LEU A 75 -11.31 2.89 -4.10
C LEU A 75 -11.69 4.22 -4.73
N GLN A 76 -11.29 5.27 -4.04
CA GLN A 76 -11.54 6.64 -4.47
C GLN A 76 -10.53 7.57 -3.81
N LYS A 77 -9.92 8.45 -4.61
CA LYS A 77 -8.93 9.37 -4.09
C LYS A 77 -9.53 10.49 -3.26
N GLY A 78 -8.73 10.98 -2.32
CA GLY A 78 -9.16 12.05 -1.46
C GLY A 78 -9.21 11.61 -0.02
N GLY A 79 -8.55 10.51 0.29
CA GLY A 79 -8.59 10.04 1.66
C GLY A 79 -7.37 9.24 2.08
N TYR A 80 -7.59 7.94 2.26
CA TYR A 80 -6.56 7.03 2.68
C TYR A 80 -6.85 5.64 2.16
N PHE A 81 -5.83 4.81 2.12
CA PHE A 81 -6.03 3.43 1.67
C PHE A 81 -4.97 2.55 2.25
N VAL A 82 -5.14 1.28 2.04
CA VAL A 82 -4.18 0.34 2.53
C VAL A 82 -3.95 -0.69 1.46
N ILE A 83 -2.71 -0.88 1.09
CA ILE A 83 -2.39 -1.82 0.05
C ILE A 83 -2.54 -3.24 0.54
N ASN A 84 -3.51 -3.94 0.00
CA ASN A 84 -3.71 -5.31 0.39
C ASN A 84 -2.39 -6.06 0.21
N PRO A 85 -1.78 -6.52 1.31
CA PRO A 85 -0.51 -7.26 1.29
C PRO A 85 -0.70 -8.64 0.74
N ASN A 86 -1.90 -9.12 0.94
CA ASN A 86 -2.27 -10.43 0.48
C ASN A 86 -2.46 -10.41 -1.02
N ASN A 87 -2.84 -9.25 -1.54
CA ASN A 87 -2.97 -9.04 -2.95
C ASN A 87 -1.61 -8.74 -3.51
N VAL A 88 -0.66 -8.65 -2.59
CA VAL A 88 0.66 -8.34 -2.88
C VAL A 88 1.51 -9.55 -2.96
N LYS A 89 2.28 -9.53 -3.98
CA LYS A 89 3.22 -10.56 -4.23
C LYS A 89 4.46 -10.27 -3.43
N SER A 90 4.88 -9.03 -3.56
CA SER A 90 6.06 -8.54 -2.85
C SER A 90 6.46 -7.14 -3.30
N VAL A 91 7.42 -6.53 -2.62
CA VAL A 91 7.94 -5.24 -3.02
C VAL A 91 9.11 -5.48 -3.99
N GLY A 92 9.49 -4.47 -4.76
CA GLY A 92 10.55 -4.63 -5.72
C GLY A 92 11.61 -3.57 -5.63
N THR A 93 12.58 -3.71 -6.50
CA THR A 93 13.70 -2.80 -6.60
C THR A 93 13.24 -1.40 -6.91
N PRO A 94 13.80 -0.47 -6.16
CA PRO A 94 13.50 0.96 -6.25
C PRO A 94 14.23 1.65 -7.38
N MET A 95 13.69 2.78 -7.79
CA MET A 95 14.26 3.59 -8.86
C MET A 95 13.94 5.07 -8.65
N LYS A 96 14.93 5.93 -8.89
CA LYS A 96 14.71 7.37 -8.74
C LYS A 96 14.16 7.96 -10.03
N GLY A 97 13.01 8.66 -9.92
CA GLY A 97 12.43 9.24 -11.12
C GLY A 97 11.24 10.13 -10.82
N SER A 98 10.26 9.62 -10.10
CA SER A 98 9.07 10.40 -9.78
C SER A 98 9.43 11.56 -8.86
N GLY A 99 10.16 12.54 -9.41
CA GLY A 99 10.56 13.69 -8.63
C GLY A 99 12.04 13.70 -8.29
N GLY A 100 12.55 12.60 -7.76
CA GLY A 100 13.94 12.51 -7.39
C GLY A 100 14.21 11.48 -6.31
N LEU A 101 13.16 11.01 -5.65
CA LEU A 101 13.24 10.05 -4.61
C LEU A 101 13.45 8.64 -5.13
N SER A 102 13.00 7.71 -4.34
CA SER A 102 13.07 6.31 -4.65
C SER A 102 11.67 5.73 -4.77
N TRP A 103 11.36 5.27 -5.96
CA TRP A 103 10.07 4.70 -6.27
C TRP A 103 10.31 3.26 -6.69
N ALA A 104 9.77 2.36 -5.92
CA ALA A 104 9.99 0.93 -6.13
C ALA A 104 8.83 0.19 -6.74
N GLN A 105 9.21 -0.85 -7.48
CA GLN A 105 8.30 -1.71 -8.16
C GLN A 105 7.72 -2.76 -7.23
N VAL A 106 6.50 -2.59 -6.78
CA VAL A 106 5.91 -3.58 -5.92
C VAL A 106 5.00 -4.46 -6.76
N ASN A 107 5.09 -5.75 -6.55
CA ASN A 107 4.33 -6.72 -7.30
C ASN A 107 2.98 -6.99 -6.66
N PHE A 108 1.94 -6.41 -7.23
CA PHE A 108 0.63 -6.61 -6.75
C PHE A 108 -0.14 -7.57 -7.63
N THR A 109 -1.28 -7.94 -7.09
CA THR A 109 -2.23 -8.88 -7.68
C THR A 109 -2.68 -8.60 -9.12
N THR A 110 -3.39 -7.50 -9.31
CA THR A 110 -3.93 -7.14 -10.61
C THR A 110 -2.96 -6.36 -11.47
N GLY A 111 -2.48 -5.26 -10.95
CA GLY A 111 -1.56 -4.43 -11.67
C GLY A 111 -0.20 -5.07 -11.82
N GLY A 112 0.01 -6.21 -11.15
CA GLY A 112 1.29 -6.84 -11.24
C GLY A 112 2.35 -5.90 -10.74
N ASN A 113 2.93 -5.14 -11.63
CA ASN A 113 3.90 -4.16 -11.22
C ASN A 113 3.17 -2.90 -10.79
N VAL A 114 3.53 -2.39 -9.63
CA VAL A 114 2.94 -1.18 -9.11
C VAL A 114 4.02 -0.44 -8.36
N TRP A 115 4.38 0.71 -8.85
CA TRP A 115 5.44 1.46 -8.22
C TRP A 115 4.94 2.39 -7.16
N LEU A 116 5.82 2.67 -6.22
CA LEU A 116 5.53 3.54 -5.12
C LEU A 116 6.81 4.14 -4.63
N ASN A 117 6.77 5.38 -4.19
CA ASN A 117 7.98 5.96 -3.68
C ASN A 117 8.33 5.19 -2.46
N THR A 118 9.25 4.36 -2.76
CA THR A 118 9.79 3.35 -1.90
C THR A 118 10.76 3.90 -0.87
N THR A 119 10.75 5.21 -0.70
CA THR A 119 11.63 5.81 0.28
C THR A 119 11.26 5.34 1.71
N SER A 120 10.59 4.18 1.83
CA SER A 120 10.21 3.60 3.10
C SER A 120 9.59 2.24 2.81
N LYS A 121 10.13 1.21 3.40
CA LYS A 121 9.62 -0.14 3.19
C LYS A 121 8.29 -0.27 3.90
N ASP A 122 8.22 0.32 5.09
CA ASP A 122 7.00 0.36 5.81
C ASP A 122 6.02 1.25 5.04
N ASN A 123 6.51 1.86 3.96
CA ASN A 123 5.68 2.73 3.17
C ASN A 123 4.53 1.96 2.56
N LEU A 124 4.84 0.96 1.82
CA LEU A 124 3.83 0.12 1.22
C LEU A 124 3.05 -0.58 2.30
N LEU A 125 3.80 -1.31 3.11
CA LEU A 125 3.23 -2.05 4.20
C LEU A 125 2.50 -1.18 5.19
N TYR A 126 3.12 -0.07 5.56
CA TYR A 126 2.55 0.82 6.55
C TYR A 126 2.14 2.16 5.98
N GLY A 127 2.85 2.61 4.98
CA GLY A 127 2.54 3.90 4.40
C GLY A 127 3.45 4.98 4.93
N LYS A 128 4.64 4.55 5.32
CA LYS A 128 5.64 5.45 5.85
C LYS A 128 6.27 6.27 4.73
N MET A 1 20.74 -6.05 40.46
CA MET A 1 19.43 -5.93 41.15
C MET A 1 19.47 -6.57 42.53
N ARG A 2 18.88 -5.89 43.51
CA ARG A 2 18.85 -6.39 44.88
C ARG A 2 17.53 -7.08 45.17
N GLY A 3 17.05 -7.86 44.20
CA GLY A 3 15.80 -8.58 44.37
C GLY A 3 15.31 -9.18 43.06
N SER A 4 16.14 -10.03 42.46
CA SER A 4 15.78 -10.66 41.20
C SER A 4 14.59 -11.61 41.36
N HIS A 5 13.64 -11.51 40.43
CA HIS A 5 12.46 -12.35 40.48
C HIS A 5 12.51 -13.41 39.38
N HIS A 6 12.63 -14.67 39.77
CA HIS A 6 12.70 -15.77 38.81
C HIS A 6 11.37 -16.52 38.75
N HIS A 7 10.47 -16.04 37.90
CA HIS A 7 9.16 -16.67 37.74
C HIS A 7 8.76 -16.69 36.27
N HIS A 8 8.91 -17.84 35.63
CA HIS A 8 8.56 -17.97 34.22
C HIS A 8 7.10 -18.42 34.07
N HIS A 9 6.25 -17.46 33.71
CA HIS A 9 4.82 -17.73 33.54
C HIS A 9 4.20 -16.86 32.44
N HIS A 10 4.83 -15.71 32.18
CA HIS A 10 4.35 -14.79 31.16
C HIS A 10 5.37 -13.68 30.93
N GLY A 11 4.92 -12.54 30.39
CA GLY A 11 5.83 -11.44 30.13
C GLY A 11 5.52 -10.21 30.95
N SER A 12 6.55 -9.64 31.57
CA SER A 12 6.41 -8.44 32.38
C SER A 12 6.94 -7.22 31.64
N GLU A 13 7.71 -7.46 30.58
CA GLU A 13 8.27 -6.39 29.77
C GLU A 13 7.23 -5.84 28.79
N PRO A 14 7.49 -4.67 28.20
CA PRO A 14 6.56 -4.05 27.25
C PRO A 14 6.20 -4.99 26.10
N THR A 15 7.07 -5.08 25.10
CA THR A 15 6.83 -5.95 23.94
C THR A 15 5.47 -5.66 23.32
N THR A 16 5.03 -4.41 23.41
CA THR A 16 3.75 -4.01 22.86
C THR A 16 3.69 -4.25 21.35
N PRO A 17 2.66 -4.97 20.88
CA PRO A 17 2.50 -5.28 19.45
C PRO A 17 1.96 -4.09 18.66
N THR A 18 2.51 -3.88 17.47
CA THR A 18 2.07 -2.78 16.61
C THR A 18 2.01 -3.22 15.15
N THR A 19 1.85 -4.53 14.94
CA THR A 19 1.79 -5.09 13.59
C THR A 19 0.45 -4.76 12.92
N ASN A 20 0.51 -3.94 11.88
CA ASN A 20 -0.70 -3.55 11.15
C ASN A 20 -0.36 -2.66 9.96
N LEU A 21 -0.96 -2.97 8.81
CA LEU A 21 -0.75 -2.21 7.58
C LEU A 21 -1.29 -0.79 7.74
N LYS A 22 -0.47 0.09 8.29
CA LYS A 22 -0.85 1.49 8.50
C LYS A 22 -1.49 2.08 7.24
N ILE A 23 -2.15 3.21 7.42
CA ILE A 23 -2.86 3.90 6.35
C ILE A 23 -1.98 4.58 5.31
N TYR A 24 -2.58 4.75 4.13
CA TYR A 24 -1.98 5.41 2.99
C TYR A 24 -2.71 6.73 2.83
N LYS A 25 -2.21 7.61 1.97
CA LYS A 25 -2.90 8.87 1.75
C LYS A 25 -3.38 8.98 0.31
N VAL A 26 -4.67 8.90 0.10
CA VAL A 26 -5.20 9.01 -1.24
C VAL A 26 -5.25 10.46 -1.65
N ASP A 27 -4.08 10.90 -2.10
CA ASP A 27 -3.87 12.28 -2.53
C ASP A 27 -4.31 12.51 -3.96
N ASP A 28 -4.27 11.46 -4.78
CA ASP A 28 -4.67 11.60 -6.18
C ASP A 28 -4.69 10.27 -6.92
N LEU A 29 -5.86 9.90 -7.41
CA LEU A 29 -6.00 8.67 -8.17
C LEU A 29 -6.79 8.92 -9.45
N GLN A 30 -6.31 8.30 -10.52
CA GLN A 30 -6.91 8.44 -11.85
C GLN A 30 -7.18 7.12 -12.53
N LYS A 31 -8.05 7.15 -13.53
CA LYS A 31 -8.28 5.96 -14.31
C LYS A 31 -7.00 5.83 -15.13
N ILE A 32 -6.15 4.92 -14.70
CA ILE A 32 -4.82 4.83 -15.26
C ILE A 32 -4.48 3.46 -15.83
N ASN A 33 -4.23 3.44 -17.14
CA ASN A 33 -3.91 2.21 -17.85
C ASN A 33 -5.08 1.24 -17.75
N GLY A 34 -6.29 1.77 -17.81
CA GLY A 34 -7.47 0.96 -17.72
C GLY A 34 -7.75 0.51 -16.30
N ILE A 35 -6.91 0.95 -15.36
CA ILE A 35 -7.04 0.59 -13.97
C ILE A 35 -6.88 1.83 -13.10
N TRP A 36 -7.74 1.98 -12.10
CA TRP A 36 -7.65 3.13 -11.21
C TRP A 36 -6.28 3.16 -10.54
N GLN A 37 -5.61 4.30 -10.54
CA GLN A 37 -4.28 4.40 -9.94
C GLN A 37 -4.29 5.37 -8.79
N VAL A 38 -3.48 5.08 -7.79
CA VAL A 38 -3.42 5.90 -6.59
C VAL A 38 -2.10 6.62 -6.39
N ARG A 39 -2.19 7.80 -5.74
CA ARG A 39 -1.04 8.61 -5.42
C ARG A 39 -1.22 9.31 -4.07
N ASN A 40 -0.13 9.45 -3.32
CA ASN A 40 -0.16 10.18 -2.06
C ASN A 40 0.98 11.13 -2.03
N ASN A 41 0.78 12.17 -1.32
CA ASN A 41 1.77 13.21 -1.16
C ASN A 41 3.06 12.69 -0.51
N ILE A 42 3.01 11.52 0.14
CA ILE A 42 4.16 10.96 0.79
C ILE A 42 5.01 10.19 -0.21
N LEU A 43 4.34 9.32 -0.93
CA LEU A 43 5.00 8.52 -1.93
C LEU A 43 4.76 9.09 -3.31
N VAL A 44 3.84 10.05 -3.42
CA VAL A 44 3.55 10.62 -4.71
C VAL A 44 3.10 12.06 -4.61
N PRO A 45 4.04 12.93 -4.28
CA PRO A 45 3.78 14.35 -4.18
C PRO A 45 3.06 14.82 -5.42
N THR A 46 3.40 14.15 -6.52
CA THR A 46 2.84 14.41 -7.83
C THR A 46 3.61 13.66 -8.93
N ASP A 47 2.93 13.40 -10.04
CA ASP A 47 3.55 12.73 -11.19
C ASP A 47 3.86 11.24 -11.00
N PHE A 48 2.84 10.46 -10.67
CA PHE A 48 3.02 9.04 -10.52
C PHE A 48 2.95 8.41 -11.89
N THR A 49 4.06 7.85 -12.32
CA THR A 49 4.10 7.23 -13.64
C THR A 49 2.90 6.33 -13.81
N TRP A 50 1.86 6.90 -14.36
CA TRP A 50 0.63 6.18 -14.62
C TRP A 50 0.91 4.84 -15.30
N VAL A 51 2.02 4.81 -16.03
CA VAL A 51 2.45 3.63 -16.77
C VAL A 51 2.52 2.43 -15.89
N ASP A 52 3.30 2.57 -14.85
CA ASP A 52 3.51 1.47 -13.93
C ASP A 52 3.82 1.92 -12.51
N ASN A 53 4.13 3.19 -12.35
CA ASN A 53 4.46 3.71 -11.04
C ASN A 53 3.22 4.12 -10.31
N GLY A 54 2.15 4.18 -11.03
CA GLY A 54 0.93 4.48 -10.45
C GLY A 54 0.37 3.23 -9.83
N ILE A 55 -0.21 3.38 -8.67
CA ILE A 55 -0.76 2.23 -7.98
C ILE A 55 -2.14 1.87 -8.49
N ALA A 56 -2.29 0.68 -9.07
CA ALA A 56 -3.59 0.28 -9.52
C ALA A 56 -4.47 0.06 -8.31
N ALA A 57 -5.10 1.13 -7.88
CA ALA A 57 -5.93 1.12 -6.71
C ALA A 57 -6.70 -0.19 -6.51
N ASP A 58 -7.09 -0.82 -7.61
CA ASP A 58 -7.82 -2.07 -7.54
C ASP A 58 -7.05 -3.09 -6.71
N ASP A 59 -5.74 -3.04 -6.86
CA ASP A 59 -4.84 -3.93 -6.15
C ASP A 59 -4.83 -3.65 -4.65
N VAL A 60 -5.13 -2.43 -4.25
CA VAL A 60 -5.10 -2.09 -2.85
C VAL A 60 -6.47 -2.12 -2.21
N ILE A 61 -6.53 -1.65 -0.99
CA ILE A 61 -7.73 -1.69 -0.23
C ILE A 61 -7.87 -0.49 0.68
N GLU A 62 -8.77 0.39 0.32
CA GLU A 62 -9.02 1.62 1.04
C GLU A 62 -9.60 1.38 2.43
N VAL A 63 -8.90 1.90 3.43
CA VAL A 63 -9.36 1.78 4.80
C VAL A 63 -9.69 3.16 5.36
N THR A 64 -10.48 3.17 6.44
CA THR A 64 -10.85 4.44 7.07
C THR A 64 -9.74 4.86 8.03
N SER A 65 -9.77 6.12 8.45
CA SER A 65 -8.75 6.70 9.35
C SER A 65 -8.28 5.72 10.42
N ASN A 66 -9.19 4.90 10.92
CA ASN A 66 -8.83 3.93 11.94
C ASN A 66 -8.15 2.71 11.34
N GLY A 67 -8.11 2.67 10.02
CA GLY A 67 -7.53 1.56 9.31
C GLY A 67 -8.56 0.50 9.00
N THR A 68 -9.81 0.94 8.96
CA THR A 68 -10.91 0.04 8.71
C THR A 68 -10.97 -0.36 7.24
N ARG A 69 -10.83 -1.64 6.98
CA ARG A 69 -10.87 -2.16 5.61
C ARG A 69 -12.28 -2.04 5.04
N THR A 70 -12.38 -1.76 3.74
CA THR A 70 -13.67 -1.62 3.09
C THR A 70 -13.54 -1.76 1.57
N SER A 71 -13.02 -2.89 1.14
CA SER A 71 -12.82 -3.16 -0.29
C SER A 71 -14.14 -3.56 -0.97
N ASP A 72 -15.19 -3.73 -0.18
CA ASP A 72 -16.50 -4.12 -0.73
C ASP A 72 -17.06 -3.06 -1.68
N GLN A 73 -16.39 -1.91 -1.80
CA GLN A 73 -16.83 -0.84 -2.67
C GLN A 73 -15.76 -0.48 -3.70
N VAL A 74 -15.83 0.74 -4.24
CA VAL A 74 -14.86 1.20 -5.23
C VAL A 74 -13.93 2.24 -4.63
N LEU A 75 -12.65 2.17 -5.02
CA LEU A 75 -11.65 3.11 -4.51
C LEU A 75 -11.91 4.52 -4.99
N GLN A 76 -11.50 5.48 -4.17
CA GLN A 76 -11.64 6.89 -4.48
C GLN A 76 -10.58 7.70 -3.74
N LYS A 77 -9.94 8.60 -4.46
CA LYS A 77 -8.88 9.44 -3.89
C LYS A 77 -9.43 10.58 -3.06
N GLY A 78 -8.63 11.00 -2.10
CA GLY A 78 -9.00 12.09 -1.23
C GLY A 78 -9.08 11.65 0.19
N GLY A 79 -8.46 10.51 0.52
CA GLY A 79 -8.51 10.05 1.88
C GLY A 79 -7.32 9.24 2.31
N TYR A 80 -7.55 7.95 2.49
CA TYR A 80 -6.52 7.01 2.90
C TYR A 80 -6.85 5.63 2.36
N PHE A 81 -5.84 4.78 2.31
CA PHE A 81 -6.05 3.42 1.86
C PHE A 81 -5.00 2.52 2.43
N VAL A 82 -5.19 1.26 2.20
CA VAL A 82 -4.23 0.31 2.68
C VAL A 82 -4.00 -0.70 1.58
N ILE A 83 -2.76 -0.90 1.20
CA ILE A 83 -2.44 -1.82 0.14
C ILE A 83 -2.59 -3.24 0.63
N ASN A 84 -3.53 -3.95 0.05
CA ASN A 84 -3.75 -5.32 0.42
C ASN A 84 -2.43 -6.09 0.24
N PRO A 85 -1.84 -6.58 1.35
CA PRO A 85 -0.59 -7.36 1.31
C PRO A 85 -0.83 -8.66 0.58
N ASN A 86 -2.06 -9.07 0.64
CA ASN A 86 -2.47 -10.29 0.00
C ASN A 86 -2.54 -10.08 -1.51
N ASN A 87 -2.77 -8.83 -1.91
CA ASN A 87 -2.76 -8.49 -3.31
C ASN A 87 -1.32 -8.28 -3.71
N VAL A 88 -0.46 -8.41 -2.71
CA VAL A 88 0.91 -8.20 -2.86
C VAL A 88 1.68 -9.47 -2.94
N LYS A 89 2.49 -9.46 -3.94
CA LYS A 89 3.38 -10.53 -4.23
C LYS A 89 4.67 -10.26 -3.52
N SER A 90 5.06 -9.01 -3.60
CA SER A 90 6.30 -8.57 -2.96
C SER A 90 6.64 -7.12 -3.28
N VAL A 91 7.68 -6.62 -2.63
CA VAL A 91 8.17 -5.28 -2.88
C VAL A 91 9.44 -5.40 -3.73
N GLY A 92 9.59 -4.53 -4.72
CA GLY A 92 10.70 -4.61 -5.61
C GLY A 92 11.71 -3.51 -5.44
N THR A 93 12.73 -3.60 -6.26
CA THR A 93 13.83 -2.67 -6.30
C THR A 93 13.36 -1.28 -6.65
N PRO A 94 13.94 -0.32 -5.92
CA PRO A 94 13.63 1.09 -6.06
C PRO A 94 14.38 1.76 -7.21
N MET A 95 13.81 2.87 -7.65
CA MET A 95 14.39 3.65 -8.74
C MET A 95 14.05 5.14 -8.57
N LYS A 96 15.02 6.01 -8.83
CA LYS A 96 14.80 7.44 -8.71
C LYS A 96 14.21 8.00 -10.01
N GLY A 97 13.07 8.68 -9.91
CA GLY A 97 12.47 9.22 -11.11
C GLY A 97 11.26 10.10 -10.85
N SER A 98 10.25 9.56 -10.16
CA SER A 98 9.04 10.31 -9.87
C SER A 98 9.35 11.53 -8.98
N GLY A 99 10.05 12.51 -9.54
CA GLY A 99 10.40 13.70 -8.78
C GLY A 99 11.87 13.78 -8.42
N GLY A 100 12.41 12.70 -7.87
CA GLY A 100 13.81 12.68 -7.48
C GLY A 100 14.11 11.68 -6.38
N LEU A 101 13.06 11.20 -5.72
CA LEU A 101 13.18 10.26 -4.65
C LEU A 101 13.43 8.87 -5.15
N SER A 102 13.00 7.92 -4.35
CA SER A 102 13.11 6.51 -4.63
C SER A 102 11.72 5.91 -4.75
N TRP A 103 11.45 5.38 -5.90
CA TRP A 103 10.17 4.77 -6.21
C TRP A 103 10.45 3.33 -6.61
N ALA A 104 9.90 2.42 -5.85
CA ALA A 104 10.15 1.00 -6.06
C ALA A 104 9.01 0.25 -6.68
N GLN A 105 9.42 -0.77 -7.44
CA GLN A 105 8.52 -1.63 -8.13
C GLN A 105 7.97 -2.71 -7.23
N VAL A 106 6.73 -2.59 -6.79
CA VAL A 106 6.15 -3.60 -5.94
C VAL A 106 5.29 -4.51 -6.79
N ASN A 107 5.38 -5.80 -6.53
CA ASN A 107 4.66 -6.79 -7.28
C ASN A 107 3.29 -7.03 -6.70
N PHE A 108 2.30 -6.45 -7.34
CA PHE A 108 0.95 -6.60 -6.95
C PHE A 108 0.28 -7.63 -7.82
N THR A 109 -0.78 -8.16 -7.29
CA THR A 109 -1.59 -9.19 -7.92
C THR A 109 -2.18 -8.78 -9.27
N THR A 110 -3.02 -7.75 -9.24
CA THR A 110 -3.70 -7.25 -10.42
C THR A 110 -2.83 -6.27 -11.14
N GLY A 111 -2.28 -5.39 -10.34
CA GLY A 111 -1.41 -4.38 -10.88
C GLY A 111 -0.07 -4.94 -11.26
N GLY A 112 0.15 -6.24 -11.03
CA GLY A 112 1.42 -6.85 -11.36
C GLY A 112 2.55 -5.98 -10.86
N ASN A 113 3.03 -5.10 -11.70
CA ASN A 113 4.05 -4.17 -11.29
C ASN A 113 3.36 -2.90 -10.81
N VAL A 114 3.74 -2.41 -9.65
CA VAL A 114 3.14 -1.20 -9.11
C VAL A 114 4.21 -0.46 -8.36
N TRP A 115 4.54 0.73 -8.80
CA TRP A 115 5.58 1.47 -8.12
C TRP A 115 5.06 2.38 -7.06
N LEU A 116 5.95 2.67 -6.14
CA LEU A 116 5.64 3.51 -5.02
C LEU A 116 6.90 4.16 -4.54
N ASN A 117 6.82 5.40 -4.13
CA ASN A 117 8.04 6.00 -3.64
C ASN A 117 8.43 5.26 -2.40
N THR A 118 9.38 4.45 -2.72
CA THR A 118 9.96 3.47 -1.83
C THR A 118 10.88 4.06 -0.82
N THR A 119 10.83 5.36 -0.66
CA THR A 119 11.68 6.00 0.34
C THR A 119 11.33 5.49 1.76
N SER A 120 10.70 4.31 1.85
CA SER A 120 10.33 3.68 3.08
C SER A 120 9.73 2.31 2.74
N LYS A 121 10.27 1.27 3.35
CA LYS A 121 9.80 -0.07 3.07
C LYS A 121 8.45 -0.27 3.75
N ASP A 122 8.36 0.24 4.97
CA ASP A 122 7.12 0.23 5.67
C ASP A 122 6.15 1.13 4.92
N ASN A 123 6.64 1.80 3.87
CA ASN A 123 5.82 2.70 3.11
C ASN A 123 4.67 1.95 2.47
N LEU A 124 4.99 0.99 1.67
CA LEU A 124 3.96 0.20 1.03
C LEU A 124 3.19 -0.57 2.09
N LEU A 125 3.94 -1.32 2.86
CA LEU A 125 3.38 -2.14 3.91
C LEU A 125 2.64 -1.34 4.95
N TYR A 126 3.23 -0.23 5.36
CA TYR A 126 2.64 0.58 6.41
C TYR A 126 2.21 1.94 5.90
N GLY A 127 2.93 2.46 4.92
CA GLY A 127 2.59 3.77 4.40
C GLY A 127 3.50 4.85 4.94
N LYS A 128 4.70 4.43 5.31
CA LYS A 128 5.69 5.33 5.84
C LYS A 128 6.30 6.17 4.73
N MET A 1 4.26 -30.43 34.85
CA MET A 1 2.83 -30.81 34.61
C MET A 1 2.02 -29.62 34.14
N ARG A 2 1.38 -29.76 32.98
CA ARG A 2 0.56 -28.68 32.42
C ARG A 2 -0.76 -28.57 33.16
N GLY A 3 -1.43 -27.42 33.00
CA GLY A 3 -2.70 -27.20 33.67
C GLY A 3 -2.59 -26.24 34.84
N SER A 4 -1.42 -25.64 35.01
CA SER A 4 -1.20 -24.70 36.10
C SER A 4 -1.99 -23.42 35.89
N HIS A 5 -2.65 -22.94 36.95
CA HIS A 5 -3.43 -21.72 36.88
C HIS A 5 -2.86 -20.64 37.79
N HIS A 6 -2.27 -21.07 38.90
CA HIS A 6 -1.68 -20.15 39.87
C HIS A 6 -0.27 -19.74 39.45
N HIS A 7 -0.15 -18.54 38.87
CA HIS A 7 1.15 -18.03 38.44
C HIS A 7 1.34 -16.59 38.89
N HIS A 8 2.47 -16.32 39.53
CA HIS A 8 2.78 -14.98 40.02
C HIS A 8 3.50 -14.17 38.96
N HIS A 9 2.77 -13.75 37.93
CA HIS A 9 3.35 -12.96 36.85
C HIS A 9 2.61 -11.62 36.72
N HIS A 10 3.08 -10.78 35.80
CA HIS A 10 2.46 -9.47 35.57
C HIS A 10 2.12 -9.29 34.09
N GLY A 11 1.49 -8.18 33.77
CA GLY A 11 1.10 -7.91 32.39
C GLY A 11 2.07 -7.00 31.68
N SER A 12 3.30 -6.92 32.18
CA SER A 12 4.32 -6.07 31.59
C SER A 12 5.17 -6.86 30.59
N GLU A 13 4.66 -8.00 30.14
CA GLU A 13 5.37 -8.84 29.19
C GLU A 13 4.51 -9.10 27.95
N PRO A 14 4.10 -8.02 27.25
CA PRO A 14 3.27 -8.13 26.04
C PRO A 14 4.01 -8.77 24.88
N THR A 15 3.32 -9.61 24.12
CA THR A 15 3.91 -10.29 22.98
C THR A 15 2.92 -10.37 21.83
N THR A 16 2.24 -9.25 21.55
CA THR A 16 1.26 -9.19 20.47
C THR A 16 1.88 -8.59 19.22
N PRO A 17 1.51 -9.11 18.02
CA PRO A 17 2.04 -8.63 16.75
C PRO A 17 1.59 -7.20 16.45
N THR A 18 2.52 -6.37 16.01
CA THR A 18 2.22 -4.98 15.68
C THR A 18 2.70 -4.63 14.28
N THR A 19 2.26 -5.41 13.30
CA THR A 19 2.64 -5.19 11.90
C THR A 19 1.41 -4.83 11.07
N ASN A 20 0.54 -3.98 11.62
CA ASN A 20 -0.67 -3.56 10.93
C ASN A 20 -0.36 -2.61 9.78
N LEU A 21 -0.91 -2.91 8.62
CA LEU A 21 -0.70 -2.08 7.43
C LEU A 21 -1.27 -0.69 7.62
N LYS A 22 -0.47 0.20 8.19
CA LYS A 22 -0.91 1.57 8.43
C LYS A 22 -1.51 2.20 7.17
N ILE A 23 -2.18 3.34 7.36
CA ILE A 23 -2.87 4.03 6.28
C ILE A 23 -1.98 4.74 5.27
N TYR A 24 -2.54 4.84 4.05
CA TYR A 24 -1.94 5.52 2.93
C TYR A 24 -2.69 6.82 2.75
N LYS A 25 -2.21 7.71 1.89
CA LYS A 25 -2.92 8.95 1.65
C LYS A 25 -3.39 9.04 0.21
N VAL A 26 -4.68 8.94 -0.03
CA VAL A 26 -5.16 9.03 -1.38
C VAL A 26 -5.26 10.48 -1.79
N ASP A 27 -4.10 10.97 -2.17
CA ASP A 27 -3.92 12.37 -2.58
C ASP A 27 -4.39 12.59 -4.00
N ASP A 28 -4.36 11.55 -4.82
CA ASP A 28 -4.81 11.67 -6.20
C ASP A 28 -4.77 10.34 -6.93
N LEU A 29 -5.94 9.90 -7.39
CA LEU A 29 -6.03 8.68 -8.15
C LEU A 29 -6.89 8.89 -9.39
N GLN A 30 -6.42 8.34 -10.49
CA GLN A 30 -7.07 8.46 -11.78
C GLN A 30 -7.25 7.13 -12.47
N LYS A 31 -8.17 7.09 -13.44
CA LYS A 31 -8.32 5.88 -14.20
C LYS A 31 -7.06 5.81 -15.04
N ILE A 32 -6.15 4.95 -14.63
CA ILE A 32 -4.82 4.89 -15.21
C ILE A 32 -4.42 3.53 -15.75
N ASN A 33 -4.07 3.48 -17.03
CA ASN A 33 -3.66 2.25 -17.68
C ASN A 33 -4.77 1.20 -17.60
N GLY A 34 -6.00 1.67 -17.74
CA GLY A 34 -7.14 0.78 -17.68
C GLY A 34 -7.44 0.35 -16.25
N ILE A 35 -6.70 0.90 -15.30
CA ILE A 35 -6.87 0.56 -13.90
C ILE A 35 -6.76 1.81 -13.04
N TRP A 36 -7.62 1.95 -12.05
CA TRP A 36 -7.57 3.11 -11.18
C TRP A 36 -6.21 3.18 -10.50
N GLN A 37 -5.55 4.34 -10.54
CA GLN A 37 -4.22 4.47 -9.96
C GLN A 37 -4.22 5.48 -8.83
N VAL A 38 -3.42 5.20 -7.82
CA VAL A 38 -3.35 6.04 -6.64
C VAL A 38 -2.04 6.79 -6.45
N ARG A 39 -2.16 7.96 -5.79
CA ARG A 39 -1.01 8.80 -5.48
C ARG A 39 -1.19 9.50 -4.13
N ASN A 40 -0.14 9.52 -3.30
CA ASN A 40 -0.19 10.25 -2.05
C ASN A 40 0.96 11.20 -2.02
N ASN A 41 0.76 12.24 -1.31
CA ASN A 41 1.76 13.27 -1.16
C ASN A 41 3.05 12.76 -0.50
N ILE A 42 2.99 11.59 0.16
CA ILE A 42 4.13 11.02 0.82
C ILE A 42 5.02 10.28 -0.15
N LEU A 43 4.37 9.41 -0.90
CA LEU A 43 5.05 8.62 -1.88
C LEU A 43 4.83 9.20 -3.27
N VAL A 44 3.89 10.13 -3.40
CA VAL A 44 3.62 10.72 -4.69
C VAL A 44 3.18 12.14 -4.58
N PRO A 45 4.11 13.01 -4.23
CA PRO A 45 3.84 14.44 -4.12
C PRO A 45 3.14 14.91 -5.39
N THR A 46 3.51 14.24 -6.46
CA THR A 46 2.96 14.51 -7.79
C THR A 46 3.73 13.75 -8.87
N ASP A 47 3.07 13.48 -9.99
CA ASP A 47 3.70 12.81 -11.14
C ASP A 47 3.98 11.32 -10.93
N PHE A 48 2.97 10.54 -10.61
CA PHE A 48 3.13 9.13 -10.47
C PHE A 48 3.01 8.52 -11.84
N THR A 49 4.08 7.97 -12.35
CA THR A 49 4.05 7.39 -13.68
C THR A 49 2.84 6.49 -13.83
N TRP A 50 1.77 7.10 -14.31
CA TRP A 50 0.53 6.40 -14.55
C TRP A 50 0.77 5.06 -15.24
N VAL A 51 1.84 5.02 -16.01
CA VAL A 51 2.23 3.83 -16.77
C VAL A 51 2.33 2.62 -15.89
N ASP A 52 3.18 2.76 -14.90
CA ASP A 52 3.43 1.66 -13.99
C ASP A 52 3.82 2.11 -12.60
N ASN A 53 4.13 3.36 -12.44
CA ASN A 53 4.52 3.86 -11.14
C ASN A 53 3.34 4.27 -10.33
N GLY A 54 2.24 4.40 -11.01
CA GLY A 54 1.05 4.69 -10.37
C GLY A 54 0.51 3.43 -9.77
N ILE A 55 -0.11 3.56 -8.64
CA ILE A 55 -0.65 2.39 -7.97
C ILE A 55 -2.00 2.01 -8.50
N ALA A 56 -2.12 0.81 -9.05
CA ALA A 56 -3.40 0.37 -9.52
C ALA A 56 -4.27 0.11 -8.32
N ALA A 57 -4.93 1.15 -7.88
CA ALA A 57 -5.75 1.11 -6.70
C ALA A 57 -6.49 -0.20 -6.51
N ASP A 58 -6.91 -0.82 -7.61
CA ASP A 58 -7.62 -2.08 -7.54
C ASP A 58 -6.82 -3.11 -6.76
N ASP A 59 -5.50 -3.01 -6.88
CA ASP A 59 -4.59 -3.88 -6.20
C ASP A 59 -4.60 -3.65 -4.70
N VAL A 60 -4.88 -2.41 -4.28
CA VAL A 60 -4.89 -2.09 -2.89
C VAL A 60 -6.29 -2.06 -2.31
N ILE A 61 -6.38 -1.67 -1.06
CA ILE A 61 -7.63 -1.64 -0.37
C ILE A 61 -7.75 -0.44 0.54
N GLU A 62 -8.62 0.48 0.16
CA GLU A 62 -8.82 1.70 0.91
C GLU A 62 -9.42 1.45 2.27
N VAL A 63 -8.72 1.91 3.29
CA VAL A 63 -9.19 1.77 4.65
C VAL A 63 -9.73 3.10 5.16
N THR A 64 -10.55 3.04 6.19
CA THR A 64 -11.10 4.27 6.76
C THR A 64 -10.09 4.83 7.76
N SER A 65 -10.24 6.11 8.08
CA SER A 65 -9.33 6.80 9.01
C SER A 65 -8.87 5.91 10.17
N ASN A 66 -9.74 5.02 10.61
CA ASN A 66 -9.41 4.13 11.70
C ASN A 66 -8.55 2.96 11.22
N GLY A 67 -8.40 2.87 9.91
CA GLY A 67 -7.64 1.81 9.30
C GLY A 67 -8.51 0.63 8.93
N THR A 68 -9.80 0.90 8.74
CA THR A 68 -10.75 -0.14 8.41
C THR A 68 -10.56 -0.57 6.95
N ARG A 69 -10.20 -1.82 6.75
CA ARG A 69 -9.98 -2.36 5.41
C ARG A 69 -11.29 -2.59 4.67
N THR A 70 -11.28 -2.27 3.38
CA THR A 70 -12.45 -2.43 2.51
C THR A 70 -13.76 -2.05 3.21
N SER A 71 -14.01 -0.75 3.29
CA SER A 71 -15.22 -0.25 3.93
C SER A 71 -16.33 -0.06 2.90
N ASP A 72 -15.99 0.58 1.78
CA ASP A 72 -16.94 0.84 0.71
C ASP A 72 -16.85 -0.22 -0.39
N GLN A 73 -15.79 -1.01 -0.38
CA GLN A 73 -15.58 -2.06 -1.37
C GLN A 73 -15.23 -1.47 -2.75
N VAL A 74 -14.96 -0.15 -2.77
CA VAL A 74 -14.62 0.54 -4.00
C VAL A 74 -13.67 1.71 -3.72
N LEU A 75 -12.41 1.57 -4.12
CA LEU A 75 -11.42 2.60 -3.89
C LEU A 75 -11.81 3.94 -4.51
N GLN A 76 -11.46 5.00 -3.81
CA GLN A 76 -11.72 6.36 -4.23
C GLN A 76 -10.65 7.28 -3.63
N LYS A 77 -10.09 8.15 -4.45
CA LYS A 77 -9.04 9.06 -4.00
C LYS A 77 -9.58 10.25 -3.25
N GLY A 78 -8.75 10.77 -2.36
CA GLY A 78 -9.13 11.91 -1.55
C GLY A 78 -9.15 11.56 -0.10
N GLY A 79 -8.47 10.46 0.27
CA GLY A 79 -8.47 10.08 1.66
C GLY A 79 -7.26 9.27 2.07
N TYR A 80 -7.48 7.99 2.27
CA TYR A 80 -6.44 7.07 2.70
C TYR A 80 -6.73 5.67 2.20
N PHE A 81 -5.72 4.82 2.17
CA PHE A 81 -5.92 3.45 1.74
C PHE A 81 -4.88 2.54 2.33
N VAL A 82 -5.08 1.28 2.12
CA VAL A 82 -4.15 0.31 2.61
C VAL A 82 -3.91 -0.71 1.52
N ILE A 83 -2.67 -0.90 1.16
CA ILE A 83 -2.34 -1.85 0.11
C ILE A 83 -2.49 -3.25 0.61
N ASN A 84 -3.47 -3.96 0.07
CA ASN A 84 -3.68 -5.32 0.47
C ASN A 84 -2.37 -6.10 0.27
N PRO A 85 -1.76 -6.59 1.36
CA PRO A 85 -0.51 -7.35 1.31
C PRO A 85 -0.74 -8.71 0.69
N ASN A 86 -1.94 -9.16 0.86
CA ASN A 86 -2.33 -10.45 0.33
C ASN A 86 -2.50 -10.36 -1.17
N ASN A 87 -2.86 -9.17 -1.65
CA ASN A 87 -2.98 -8.92 -3.05
C ASN A 87 -1.61 -8.63 -3.57
N VAL A 88 -0.66 -8.61 -2.65
CA VAL A 88 0.67 -8.31 -2.93
C VAL A 88 1.50 -9.55 -3.11
N LYS A 89 2.24 -9.47 -4.16
CA LYS A 89 3.13 -10.51 -4.54
C LYS A 89 4.44 -10.28 -3.82
N SER A 90 4.83 -9.02 -3.82
CA SER A 90 6.08 -8.62 -3.18
C SER A 90 6.42 -7.16 -3.37
N VAL A 91 7.47 -6.70 -2.69
CA VAL A 91 7.97 -5.36 -2.82
C VAL A 91 9.31 -5.42 -3.56
N GLY A 92 9.35 -4.79 -4.73
CA GLY A 92 10.50 -4.82 -5.57
C GLY A 92 11.49 -3.72 -5.32
N THR A 93 12.54 -3.78 -6.10
CA THR A 93 13.64 -2.84 -6.07
C THR A 93 13.18 -1.45 -6.46
N PRO A 94 13.77 -0.48 -5.76
CA PRO A 94 13.49 0.93 -5.93
C PRO A 94 14.24 1.56 -7.10
N MET A 95 13.70 2.67 -7.56
CA MET A 95 14.26 3.43 -8.66
C MET A 95 13.95 4.92 -8.51
N LYS A 96 14.95 5.77 -8.73
CA LYS A 96 14.75 7.21 -8.64
C LYS A 96 14.21 7.76 -9.95
N GLY A 97 13.09 8.48 -9.90
CA GLY A 97 12.53 9.03 -11.13
C GLY A 97 11.34 9.93 -10.90
N SER A 98 10.33 9.45 -10.18
CA SER A 98 9.14 10.23 -9.90
C SER A 98 9.47 11.45 -9.05
N GLY A 99 10.20 12.41 -9.63
CA GLY A 99 10.58 13.60 -8.90
C GLY A 99 12.06 13.65 -8.56
N GLY A 100 12.57 12.57 -7.97
CA GLY A 100 13.96 12.52 -7.59
C GLY A 100 14.24 11.53 -6.48
N LEU A 101 13.19 11.10 -5.80
CA LEU A 101 13.27 10.16 -4.71
C LEU A 101 13.50 8.75 -5.19
N SER A 102 13.04 7.83 -4.36
CA SER A 102 13.11 6.42 -4.61
C SER A 102 11.71 5.84 -4.72
N TRP A 103 11.42 5.30 -5.88
CA TRP A 103 10.13 4.72 -6.17
C TRP A 103 10.37 3.27 -6.56
N ALA A 104 9.82 2.39 -5.78
CA ALA A 104 10.03 0.96 -5.96
C ALA A 104 8.90 0.21 -6.60
N GLN A 105 9.30 -0.79 -7.35
CA GLN A 105 8.41 -1.66 -8.07
C GLN A 105 7.83 -2.73 -7.17
N VAL A 106 6.57 -2.58 -6.74
CA VAL A 106 5.97 -3.57 -5.92
C VAL A 106 5.05 -4.41 -6.78
N ASN A 107 5.09 -5.72 -6.57
CA ASN A 107 4.32 -6.64 -7.36
C ASN A 107 2.97 -6.89 -6.74
N PHE A 108 1.95 -6.26 -7.29
CA PHE A 108 0.62 -6.41 -6.82
C PHE A 108 -0.16 -7.40 -7.68
N THR A 109 -1.29 -7.73 -7.12
CA THR A 109 -2.27 -8.66 -7.68
C THR A 109 -2.72 -8.39 -9.12
N THR A 110 -3.40 -7.27 -9.30
CA THR A 110 -3.97 -6.89 -10.60
C THR A 110 -2.99 -6.15 -11.48
N GLY A 111 -2.44 -5.07 -10.97
CA GLY A 111 -1.51 -4.27 -11.71
C GLY A 111 -0.17 -4.93 -11.86
N GLY A 112 0.04 -6.08 -11.20
CA GLY A 112 1.32 -6.73 -11.28
C GLY A 112 2.39 -5.81 -10.79
N ASN A 113 2.98 -5.05 -11.67
CA ASN A 113 3.97 -4.09 -11.27
C ASN A 113 3.28 -2.80 -10.86
N VAL A 114 3.61 -2.30 -9.70
CA VAL A 114 3.04 -1.08 -9.19
C VAL A 114 4.11 -0.37 -8.40
N TRP A 115 4.47 0.81 -8.82
CA TRP A 115 5.53 1.52 -8.14
C TRP A 115 5.02 2.46 -7.08
N LEU A 116 5.90 2.72 -6.14
CA LEU A 116 5.60 3.59 -5.04
C LEU A 116 6.87 4.21 -4.53
N ASN A 117 6.82 5.46 -4.12
CA ASN A 117 8.03 6.05 -3.61
C ASN A 117 8.38 5.32 -2.38
N THR A 118 9.30 4.48 -2.67
CA THR A 118 9.84 3.49 -1.79
C THR A 118 10.82 4.03 -0.80
N THR A 119 10.84 5.34 -0.63
CA THR A 119 11.74 5.93 0.34
C THR A 119 11.39 5.46 1.77
N SER A 120 10.71 4.30 1.89
CA SER A 120 10.35 3.71 3.15
C SER A 120 9.71 2.37 2.86
N LYS A 121 10.28 1.32 3.40
CA LYS A 121 9.76 -0.02 3.16
C LYS A 121 8.43 -0.17 3.86
N ASP A 122 8.36 0.37 5.06
CA ASP A 122 7.12 0.40 5.78
C ASP A 122 6.14 1.28 5.01
N ASN A 123 6.61 1.91 3.93
CA ASN A 123 5.78 2.77 3.14
C ASN A 123 4.64 1.99 2.52
N LEU A 124 4.97 1.00 1.76
CA LEU A 124 3.95 0.17 1.15
C LEU A 124 3.20 -0.56 2.23
N LEU A 125 3.96 -1.29 3.02
CA LEU A 125 3.41 -2.07 4.09
C LEU A 125 2.67 -1.23 5.10
N TYR A 126 3.27 -0.11 5.49
CA TYR A 126 2.68 0.73 6.52
C TYR A 126 2.25 2.08 5.97
N GLY A 127 2.97 2.58 4.99
CA GLY A 127 2.62 3.88 4.43
C GLY A 127 3.54 4.95 4.95
N LYS A 128 4.75 4.55 5.30
CA LYS A 128 5.74 5.46 5.81
C LYS A 128 6.34 6.28 4.68
N MET A 1 13.59 -34.25 20.99
CA MET A 1 13.85 -33.63 22.32
C MET A 1 13.20 -32.25 22.41
N ARG A 2 11.89 -32.22 22.27
CA ARG A 2 11.14 -30.96 22.35
C ARG A 2 11.26 -30.34 23.73
N GLY A 3 10.90 -29.07 23.84
CA GLY A 3 10.97 -28.37 25.12
C GLY A 3 9.61 -27.98 25.64
N SER A 4 9.34 -28.31 26.90
CA SER A 4 8.06 -27.99 27.52
C SER A 4 8.19 -26.80 28.46
N HIS A 5 9.15 -25.92 28.18
CA HIS A 5 9.37 -24.74 29.01
C HIS A 5 8.56 -23.55 28.50
N HIS A 6 8.75 -23.21 27.23
CA HIS A 6 8.04 -22.09 26.63
C HIS A 6 7.56 -22.44 25.23
N HIS A 7 6.24 -22.38 25.03
CA HIS A 7 5.65 -22.68 23.73
C HIS A 7 5.31 -21.40 22.98
N HIS A 8 5.64 -21.36 21.70
CA HIS A 8 5.38 -20.17 20.89
C HIS A 8 5.13 -20.55 19.43
N HIS A 9 3.89 -20.92 19.12
CA HIS A 9 3.51 -21.30 17.77
C HIS A 9 2.10 -20.80 17.47
N HIS A 10 1.11 -21.38 18.15
CA HIS A 10 -0.28 -21.00 17.96
C HIS A 10 -0.61 -19.69 18.67
N GLY A 11 0.28 -19.27 19.58
CA GLY A 11 0.06 -18.04 20.32
C GLY A 11 0.56 -16.80 19.61
N SER A 12 0.28 -16.71 18.31
CA SER A 12 0.71 -15.57 17.51
C SER A 12 -0.49 -14.75 17.03
N GLU A 13 -1.69 -15.22 17.36
CA GLU A 13 -2.91 -14.53 16.97
C GLU A 13 -3.61 -13.91 18.18
N PRO A 14 -3.17 -12.72 18.60
CA PRO A 14 -3.75 -12.02 19.74
C PRO A 14 -5.12 -11.42 19.43
N THR A 15 -5.85 -11.04 20.48
CA THR A 15 -7.17 -10.46 20.32
C THR A 15 -7.11 -8.93 20.35
N THR A 16 -5.94 -8.38 20.67
CA THR A 16 -5.75 -6.94 20.72
C THR A 16 -4.91 -6.45 19.54
N PRO A 17 -5.54 -5.78 18.56
CA PRO A 17 -4.84 -5.27 17.38
C PRO A 17 -4.12 -3.96 17.66
N THR A 18 -2.80 -3.97 17.49
CA THR A 18 -2.00 -2.77 17.71
C THR A 18 -0.81 -2.73 16.76
N THR A 19 -0.98 -3.31 15.59
CA THR A 19 0.08 -3.34 14.59
C THR A 19 -0.38 -4.02 13.30
N ASN A 20 -0.74 -3.22 12.31
CA ASN A 20 -1.20 -3.76 11.03
C ASN A 20 -1.25 -2.67 9.96
N LEU A 21 -0.61 -2.97 8.83
CA LEU A 21 -0.55 -2.09 7.66
C LEU A 21 -1.17 -0.71 7.89
N LYS A 22 -0.34 0.27 8.22
CA LYS A 22 -0.80 1.63 8.43
C LYS A 22 -1.45 2.19 7.17
N ILE A 23 -2.13 3.33 7.33
CA ILE A 23 -2.85 3.97 6.26
C ILE A 23 -1.97 4.66 5.21
N TYR A 24 -2.56 4.78 4.00
CA TYR A 24 -1.97 5.44 2.86
C TYR A 24 -2.70 6.75 2.69
N LYS A 25 -2.22 7.64 1.85
CA LYS A 25 -2.93 8.90 1.64
C LYS A 25 -3.41 9.02 0.20
N VAL A 26 -4.69 8.91 -0.02
CA VAL A 26 -5.21 9.02 -1.36
C VAL A 26 -5.27 10.46 -1.76
N ASP A 27 -4.12 10.92 -2.18
CA ASP A 27 -3.91 12.31 -2.60
C ASP A 27 -4.38 12.54 -4.03
N ASP A 28 -4.36 11.50 -4.84
CA ASP A 28 -4.80 11.64 -6.22
C ASP A 28 -4.79 10.30 -6.96
N LEU A 29 -5.97 9.89 -7.42
CA LEU A 29 -6.08 8.65 -8.18
C LEU A 29 -6.90 8.88 -9.44
N GLN A 30 -6.41 8.32 -10.52
CA GLN A 30 -7.02 8.45 -11.84
C GLN A 30 -7.22 7.12 -12.53
N LYS A 31 -8.10 7.10 -13.51
CA LYS A 31 -8.26 5.91 -14.29
C LYS A 31 -6.98 5.85 -15.11
N ILE A 32 -6.07 4.99 -14.70
CA ILE A 32 -4.74 4.96 -15.27
C ILE A 32 -4.33 3.60 -15.84
N ASN A 33 -4.07 3.59 -17.14
CA ASN A 33 -3.67 2.38 -17.85
C ASN A 33 -4.78 1.32 -17.76
N GLY A 34 -6.02 1.79 -17.87
CA GLY A 34 -7.15 0.90 -17.80
C GLY A 34 -7.43 0.42 -16.39
N ILE A 35 -6.68 0.95 -15.43
CA ILE A 35 -6.81 0.57 -14.04
C ILE A 35 -6.74 1.82 -13.16
N TRP A 36 -7.61 1.92 -12.16
CA TRP A 36 -7.58 3.07 -11.27
C TRP A 36 -6.23 3.14 -10.58
N GLN A 37 -5.58 4.30 -10.60
CA GLN A 37 -4.26 4.43 -9.99
C GLN A 37 -4.29 5.40 -8.84
N VAL A 38 -3.47 5.13 -7.84
CA VAL A 38 -3.43 5.96 -6.65
C VAL A 38 -2.11 6.70 -6.45
N ARG A 39 -2.22 7.87 -5.79
CA ARG A 39 -1.07 8.71 -5.48
C ARG A 39 -1.24 9.39 -4.12
N ASN A 40 -0.17 9.45 -3.32
CA ASN A 40 -0.21 10.17 -2.06
C ASN A 40 0.95 11.11 -2.01
N ASN A 41 0.75 12.15 -1.27
CA ASN A 41 1.75 13.16 -1.10
C ASN A 41 3.04 12.62 -0.46
N ILE A 42 2.98 11.45 0.18
CA ILE A 42 4.12 10.86 0.82
C ILE A 42 4.98 10.13 -0.18
N LEU A 43 4.33 9.29 -0.94
CA LEU A 43 4.99 8.51 -1.95
C LEU A 43 4.78 9.13 -3.32
N VAL A 44 3.86 10.09 -3.41
CA VAL A 44 3.59 10.70 -4.70
C VAL A 44 3.18 12.15 -4.55
N PRO A 45 4.13 12.99 -4.20
CA PRO A 45 3.90 14.41 -4.07
C PRO A 45 3.19 14.91 -5.30
N THR A 46 3.52 14.25 -6.41
CA THR A 46 2.95 14.55 -7.71
C THR A 46 3.70 13.80 -8.81
N ASP A 47 3.00 13.52 -9.92
CA ASP A 47 3.60 12.85 -11.08
C ASP A 47 3.91 11.36 -10.88
N PHE A 48 2.90 10.57 -10.54
CA PHE A 48 3.08 9.16 -10.40
C PHE A 48 2.97 8.57 -11.78
N THR A 49 4.07 8.04 -12.28
CA THR A 49 4.06 7.48 -13.62
C THR A 49 2.86 6.58 -13.81
N TRP A 50 1.79 7.18 -14.31
CA TRP A 50 0.55 6.47 -14.58
C TRP A 50 0.83 5.16 -15.30
N VAL A 51 1.93 5.13 -16.03
CA VAL A 51 2.35 3.97 -16.80
C VAL A 51 2.41 2.74 -15.94
N ASP A 52 3.21 2.85 -14.92
CA ASP A 52 3.44 1.74 -14.03
C ASP A 52 3.79 2.16 -12.62
N ASN A 53 4.11 3.42 -12.45
CA ASN A 53 4.49 3.88 -11.13
C ASN A 53 3.28 4.29 -10.35
N GLY A 54 2.20 4.41 -11.04
CA GLY A 54 1.00 4.67 -10.41
C GLY A 54 0.47 3.40 -9.82
N ILE A 55 -0.16 3.52 -8.69
CA ILE A 55 -0.68 2.34 -8.01
C ILE A 55 -2.04 1.95 -8.57
N ALA A 56 -2.15 0.75 -9.12
CA ALA A 56 -3.43 0.31 -9.59
C ALA A 56 -4.31 0.04 -8.40
N ALA A 57 -4.97 1.10 -7.97
CA ALA A 57 -5.81 1.06 -6.79
C ALA A 57 -6.55 -0.27 -6.60
N ASP A 58 -6.96 -0.89 -7.69
CA ASP A 58 -7.67 -2.16 -7.61
C ASP A 58 -6.87 -3.17 -6.80
N ASP A 59 -5.57 -3.08 -6.93
CA ASP A 59 -4.65 -3.96 -6.23
C ASP A 59 -4.66 -3.70 -4.73
N VAL A 60 -4.98 -2.47 -4.31
CA VAL A 60 -4.99 -2.14 -2.91
C VAL A 60 -6.37 -2.15 -2.32
N ILE A 61 -6.45 -1.72 -1.06
CA ILE A 61 -7.69 -1.73 -0.35
C ILE A 61 -7.82 -0.53 0.57
N GLU A 62 -8.72 0.35 0.20
CA GLU A 62 -8.97 1.57 0.95
C GLU A 62 -9.48 1.31 2.36
N VAL A 63 -8.77 1.87 3.32
CA VAL A 63 -9.14 1.74 4.71
C VAL A 63 -9.64 3.08 5.24
N THR A 64 -10.40 3.06 6.34
CA THR A 64 -10.90 4.29 6.94
C THR A 64 -9.84 4.87 7.85
N SER A 65 -9.96 6.17 8.14
CA SER A 65 -9.00 6.89 8.99
C SER A 65 -8.49 6.04 10.15
N ASN A 66 -9.34 5.17 10.69
CA ASN A 66 -8.95 4.33 11.79
C ASN A 66 -8.12 3.13 11.31
N GLY A 67 -8.07 2.98 10.00
CA GLY A 67 -7.35 1.88 9.38
C GLY A 67 -8.26 0.72 9.09
N THR A 68 -9.55 1.00 8.98
CA THR A 68 -10.53 -0.03 8.73
C THR A 68 -10.48 -0.49 7.28
N ARG A 69 -10.15 -1.76 7.09
CA ARG A 69 -10.09 -2.33 5.75
C ARG A 69 -11.48 -2.50 5.15
N THR A 70 -11.59 -2.22 3.85
CA THR A 70 -12.86 -2.33 3.14
C THR A 70 -12.64 -2.60 1.65
N SER A 71 -12.63 -3.86 1.28
CA SER A 71 -12.41 -4.26 -0.11
C SER A 71 -13.74 -4.34 -0.88
N ASP A 72 -14.81 -4.65 -0.16
CA ASP A 72 -16.13 -4.77 -0.77
C ASP A 72 -16.52 -3.49 -1.50
N GLN A 73 -15.98 -2.36 -1.04
CA GLN A 73 -16.26 -1.06 -1.64
C GLN A 73 -15.33 -0.77 -2.81
N VAL A 74 -15.48 0.41 -3.40
CA VAL A 74 -14.65 0.84 -4.54
C VAL A 74 -13.68 1.93 -4.10
N LEU A 75 -12.45 1.86 -4.60
CA LEU A 75 -11.43 2.84 -4.25
C LEU A 75 -11.76 4.22 -4.79
N GLN A 76 -11.40 5.22 -4.01
CA GLN A 76 -11.62 6.61 -4.37
C GLN A 76 -10.57 7.50 -3.70
N LYS A 77 -9.98 8.38 -4.49
CA LYS A 77 -8.95 9.29 -3.97
C LYS A 77 -9.53 10.42 -3.15
N GLY A 78 -8.72 10.91 -2.22
CA GLY A 78 -9.13 11.99 -1.38
C GLY A 78 -9.15 11.57 0.07
N GLY A 79 -8.48 10.47 0.38
CA GLY A 79 -8.49 10.02 1.75
C GLY A 79 -7.29 9.21 2.15
N TYR A 80 -7.52 7.92 2.34
CA TYR A 80 -6.48 7.00 2.74
C TYR A 80 -6.79 5.61 2.22
N PHE A 81 -5.79 4.76 2.16
CA PHE A 81 -6.00 3.39 1.72
C PHE A 81 -4.95 2.49 2.29
N VAL A 82 -5.14 1.24 2.09
CA VAL A 82 -4.19 0.28 2.56
C VAL A 82 -3.97 -0.75 1.48
N ILE A 83 -2.73 -0.92 1.10
CA ILE A 83 -2.41 -1.86 0.05
C ILE A 83 -2.54 -3.27 0.55
N ASN A 84 -3.51 -3.97 0.03
CA ASN A 84 -3.70 -5.35 0.43
C ASN A 84 -2.37 -6.09 0.24
N PRO A 85 -1.76 -6.56 1.34
CA PRO A 85 -0.49 -7.29 1.31
C PRO A 85 -0.67 -8.67 0.73
N ASN A 86 -1.86 -9.15 0.90
CA ASN A 86 -2.22 -10.44 0.41
C ASN A 86 -2.40 -10.39 -1.10
N ASN A 87 -2.78 -9.23 -1.58
CA ASN A 87 -2.90 -8.99 -2.99
C ASN A 87 -1.53 -8.69 -3.52
N VAL A 88 -0.59 -8.62 -2.59
CA VAL A 88 0.74 -8.31 -2.88
C VAL A 88 1.57 -9.54 -3.00
N LYS A 89 2.30 -9.50 -4.05
CA LYS A 89 3.21 -10.55 -4.37
C LYS A 89 4.48 -10.31 -3.61
N SER A 90 4.90 -9.07 -3.66
CA SER A 90 6.11 -8.64 -2.96
C SER A 90 6.49 -7.20 -3.29
N VAL A 91 7.49 -6.67 -2.61
CA VAL A 91 8.00 -5.35 -2.88
C VAL A 91 9.27 -5.51 -3.72
N GLY A 92 9.44 -4.65 -4.73
CA GLY A 92 10.56 -4.75 -5.62
C GLY A 92 11.57 -3.65 -5.46
N THR A 93 12.58 -3.75 -6.28
CA THR A 93 13.69 -2.83 -6.34
C THR A 93 13.22 -1.43 -6.68
N PRO A 94 13.79 -0.48 -5.95
CA PRO A 94 13.51 0.93 -6.07
C PRO A 94 14.26 1.60 -7.20
N MET A 95 13.72 2.71 -7.66
CA MET A 95 14.30 3.51 -8.74
C MET A 95 13.97 4.99 -8.55
N LYS A 96 14.96 5.84 -8.76
CA LYS A 96 14.75 7.28 -8.63
C LYS A 96 14.21 7.87 -9.93
N GLY A 97 13.09 8.59 -9.86
CA GLY A 97 12.53 9.16 -11.07
C GLY A 97 11.33 10.06 -10.83
N SER A 98 10.33 9.54 -10.13
CA SER A 98 9.13 10.32 -9.85
C SER A 98 9.45 11.51 -8.94
N GLY A 99 10.18 12.49 -9.48
CA GLY A 99 10.54 13.66 -8.72
C GLY A 99 12.01 13.71 -8.34
N GLY A 100 12.53 12.61 -7.80
CA GLY A 100 13.92 12.55 -7.41
C GLY A 100 14.18 11.53 -6.31
N LEU A 101 13.12 11.08 -5.66
CA LEU A 101 13.20 10.11 -4.60
C LEU A 101 13.43 8.72 -5.12
N SER A 102 12.98 7.77 -4.31
CA SER A 102 13.07 6.37 -4.61
C SER A 102 11.68 5.79 -4.75
N TRP A 103 11.38 5.29 -5.92
CA TRP A 103 10.11 4.70 -6.23
C TRP A 103 10.35 3.26 -6.64
N ALA A 104 9.79 2.37 -5.86
CA ALA A 104 10.01 0.94 -6.05
C ALA A 104 8.88 0.19 -6.70
N GLN A 105 9.29 -0.83 -7.44
CA GLN A 105 8.41 -1.69 -8.14
C GLN A 105 7.84 -2.76 -7.23
N VAL A 106 6.62 -2.62 -6.78
CA VAL A 106 6.04 -3.62 -5.94
C VAL A 106 5.12 -4.49 -6.78
N ASN A 107 5.17 -5.78 -6.55
CA ASN A 107 4.39 -6.73 -7.31
C ASN A 107 3.04 -6.97 -6.68
N PHE A 108 2.02 -6.34 -7.24
CA PHE A 108 0.69 -6.50 -6.78
C PHE A 108 -0.09 -7.49 -7.62
N THR A 109 -1.23 -7.83 -7.06
CA THR A 109 -2.20 -8.76 -7.61
C THR A 109 -2.66 -8.51 -9.05
N THR A 110 -3.34 -7.40 -9.25
CA THR A 110 -3.91 -7.04 -10.55
C THR A 110 -2.93 -6.31 -11.43
N GLY A 111 -2.41 -5.20 -10.93
CA GLY A 111 -1.49 -4.41 -11.68
C GLY A 111 -0.14 -5.07 -11.84
N GLY A 112 0.08 -6.20 -11.16
CA GLY A 112 1.36 -6.85 -11.24
C GLY A 112 2.42 -5.91 -10.76
N ASN A 113 2.99 -5.15 -11.65
CA ASN A 113 3.96 -4.16 -11.26
C ASN A 113 3.24 -2.89 -10.82
N VAL A 114 3.61 -2.39 -9.66
CA VAL A 114 3.02 -1.18 -9.12
C VAL A 114 4.10 -0.45 -8.38
N TRP A 115 4.44 0.73 -8.84
CA TRP A 115 5.50 1.46 -8.20
C TRP A 115 5.00 2.39 -7.14
N LEU A 116 5.87 2.66 -6.21
CA LEU A 116 5.57 3.53 -5.10
C LEU A 116 6.83 4.16 -4.60
N ASN A 117 6.78 5.40 -4.19
CA ASN A 117 7.98 5.98 -3.67
C ASN A 117 8.33 5.24 -2.44
N THR A 118 9.25 4.41 -2.73
CA THR A 118 9.80 3.41 -1.85
C THR A 118 10.75 3.99 -0.83
N THR A 119 10.72 5.29 -0.67
CA THR A 119 11.59 5.92 0.32
C THR A 119 11.21 5.47 1.75
N SER A 120 10.57 4.29 1.87
CA SER A 120 10.16 3.73 3.13
C SER A 120 9.58 2.36 2.85
N LYS A 121 10.10 1.35 3.52
CA LYS A 121 9.62 0.00 3.32
C LYS A 121 8.27 -0.14 4.00
N ASP A 122 8.17 0.45 5.17
CA ASP A 122 6.92 0.51 5.86
C ASP A 122 5.96 1.36 5.05
N ASN A 123 6.47 1.95 3.96
CA ASN A 123 5.64 2.80 3.13
C ASN A 123 4.51 2.00 2.51
N LEU A 124 4.85 1.00 1.79
CA LEU A 124 3.84 0.15 1.20
C LEU A 124 3.07 -0.55 2.27
N LEU A 125 3.81 -1.24 3.10
CA LEU A 125 3.25 -1.99 4.19
C LEU A 125 2.48 -1.11 5.15
N TYR A 126 3.06 0.03 5.50
CA TYR A 126 2.43 0.91 6.47
C TYR A 126 2.03 2.25 5.87
N GLY A 127 2.79 2.71 4.89
CA GLY A 127 2.47 3.99 4.29
C GLY A 127 3.38 5.08 4.79
N LYS A 128 4.57 4.68 5.17
CA LYS A 128 5.56 5.60 5.66
C LYS A 128 6.18 6.40 4.51
#